data_3RBQ
#
_entry.id   3RBQ
#
_cell.length_a   78.546
_cell.length_b   79.713
_cell.length_c   189.590
_cell.angle_alpha   90.00
_cell.angle_beta   90.00
_cell.angle_gamma   90.00
#
_symmetry.space_group_name_H-M   'P 21 21 21'
#
loop_
_entity.id
_entity.type
_entity.pdbx_description
1 polymer 'Protein unc-119 homolog A'
2 polymer 'Guanine nucleotide-binding protein G(t) subunit alpha-1'
3 water water
#
loop_
_entity_poly.entity_id
_entity_poly.type
_entity_poly.pdbx_seq_one_letter_code
_entity_poly.pdbx_strand_id
1 'polypeptide(L)'
;MGHHHHHHSHRKQPIGPEDVLGLQRITGDYLCSPEENIYKIDFVRFKIRDMDSGTVLFEIKKPPVSERLPINRRDLDPNA
GRFVRYQFTPAFLRLRQVGATVEFTVGDKPVNNFRMIERHYFRNQLLKSFDFHFGFCIPSSKNTCEHIYDFPPLSEELIS
EMIRHPYETQSDSFYFVDDRLVMHNKADYSYSGTP
;
A,B,C,D,E,F
2 'polypeptide(L)' (DAO)GAGASAEEKH G,H,I,J,K,L
#
loop_
_chem_comp.id
_chem_comp.type
_chem_comp.name
_chem_comp.formula
DAO non-polymer 'LAURIC ACID' 'C12 H24 O2'
#
# COMPACT_ATOMS: atom_id res chain seq x y z
N ILE A 15 -11.51 28.16 3.98
CA ILE A 15 -10.89 26.92 3.42
C ILE A 15 -11.75 25.68 3.70
N GLY A 16 -12.01 24.90 2.65
CA GLY A 16 -12.74 23.65 2.85
C GLY A 16 -11.90 22.45 2.45
N PRO A 17 -12.38 21.22 2.73
CA PRO A 17 -11.58 20.01 2.47
C PRO A 17 -11.10 19.92 1.02
N GLU A 18 -11.91 20.41 0.08
CA GLU A 18 -11.58 20.37 -1.33
C GLU A 18 -10.34 21.24 -1.62
N ASP A 19 -10.14 22.30 -0.84
CA ASP A 19 -8.94 23.13 -0.98
C ASP A 19 -7.60 22.46 -0.49
N VAL A 20 -7.67 21.31 0.14
CA VAL A 20 -6.38 20.69 0.61
C VAL A 20 -6.16 19.28 0.05
N LEU A 21 -7.25 18.62 -0.39
CA LEU A 21 -7.17 17.17 -0.71
C LEU A 21 -6.34 16.89 -1.94
N GLY A 22 -6.02 17.94 -2.71
CA GLY A 22 -5.20 17.79 -3.91
C GLY A 22 -3.82 18.43 -3.80
N LEU A 23 -3.45 18.92 -2.60
CA LEU A 23 -2.14 19.62 -2.46
C LEU A 23 -0.98 18.72 -2.71
N GLN A 24 0.02 19.24 -3.43
CA GLN A 24 1.14 18.43 -3.81
C GLN A 24 2.43 18.93 -3.13
N ARG A 25 2.28 19.85 -2.21
CA ARG A 25 3.41 20.40 -1.44
C ARG A 25 2.91 20.84 -0.11
N ILE A 26 3.83 20.86 0.85
CA ILE A 26 3.64 21.55 2.08
C ILE A 26 3.22 23.03 1.85
N THR A 27 2.35 23.56 2.69
CA THR A 27 1.95 24.97 2.50
C THR A 27 3.07 25.90 2.94
N GLY A 28 3.13 27.09 2.33
CA GLY A 28 4.21 28.08 2.65
C GLY A 28 3.89 28.82 3.92
N ASP A 29 2.64 28.74 4.40
CA ASP A 29 2.26 29.38 5.67
C ASP A 29 1.09 28.62 6.27
N TYR A 30 0.74 28.93 7.52
CA TYR A 30 -0.48 28.42 8.14
C TYR A 30 -1.71 28.99 7.38
N LEU A 31 -2.71 28.15 7.12
CA LEU A 31 -3.86 28.56 6.33
C LEU A 31 -4.94 29.19 7.18
N CYS A 32 -4.76 29.24 8.50
CA CYS A 32 -5.77 29.89 9.29
C CYS A 32 -5.06 30.42 10.51
N SER A 33 -5.69 31.36 11.20
CA SER A 33 -5.09 31.93 12.38
C SER A 33 -5.58 31.16 13.57
N PRO A 34 -4.86 31.28 14.70
CA PRO A 34 -5.32 30.66 15.93
C PRO A 34 -6.76 31.02 16.33
N GLU A 35 -7.20 32.25 16.06
CA GLU A 35 -8.50 32.72 16.52
C GLU A 35 -9.65 32.06 15.71
N GLU A 36 -9.33 31.47 14.55
CA GLU A 36 -10.30 30.69 13.76
C GLU A 36 -10.80 29.43 14.51
N ASN A 37 -10.11 29.07 15.60
CA ASN A 37 -10.51 27.95 16.47
C ASN A 37 -11.61 28.37 17.48
N ILE A 38 -12.78 28.70 16.90
CA ILE A 38 -13.96 29.20 17.66
C ILE A 38 -14.56 28.09 18.49
N TYR A 39 -14.25 26.84 18.16
CA TYR A 39 -14.73 25.76 18.97
C TYR A 39 -13.86 25.45 20.19
N LYS A 40 -12.74 26.13 20.31
CA LYS A 40 -11.79 25.92 21.40
C LYS A 40 -11.38 24.43 21.54
N ILE A 41 -10.96 23.86 20.43
CA ILE A 41 -10.44 22.51 20.45
C ILE A 41 -8.99 22.60 20.89
N ASP A 42 -8.65 21.80 21.89
CA ASP A 42 -7.32 21.86 22.48
C ASP A 42 -6.86 20.41 22.68
N PHE A 43 -5.86 20.01 21.92
CA PHE A 43 -5.33 18.66 22.05
C PHE A 43 -4.49 18.60 23.32
N VAL A 44 -4.86 17.74 24.24
CA VAL A 44 -4.13 17.66 25.55
C VAL A 44 -3.31 16.44 25.73
N ARG A 45 -3.49 15.45 24.85
CA ARG A 45 -2.59 14.31 24.85
C ARG A 45 -2.54 13.75 23.45
N PHE A 46 -1.34 13.32 23.06
CA PHE A 46 -1.14 12.69 21.78
C PHE A 46 -0.14 11.55 22.03
N LYS A 47 -0.50 10.33 21.61
CA LYS A 47 0.33 9.11 21.77
C LYS A 47 0.31 8.27 20.49
N ILE A 48 1.46 7.76 20.06
CA ILE A 48 1.47 6.89 18.91
C ILE A 48 2.11 5.60 19.28
N ARG A 49 1.43 4.51 18.93
N ARG A 49 1.47 4.53 18.83
CA ARG A 49 1.92 3.15 19.26
CA ARG A 49 1.84 3.16 19.17
C ARG A 49 1.96 2.27 17.98
C ARG A 49 2.07 2.41 17.87
N ASP A 50 3.03 1.49 17.84
CA ASP A 50 3.21 0.56 16.69
C ASP A 50 2.22 -0.57 16.96
N MET A 51 1.27 -0.78 16.06
CA MET A 51 0.22 -1.76 16.29
C MET A 51 0.74 -3.21 16.18
N ASP A 52 1.94 -3.40 15.63
CA ASP A 52 2.55 -4.72 15.60
C ASP A 52 3.48 -5.14 16.77
N SER A 53 3.81 -4.22 17.68
CA SER A 53 4.71 -4.54 18.78
C SER A 53 4.20 -3.96 20.11
N GLY A 54 3.20 -3.07 20.10
CA GLY A 54 2.79 -2.30 21.32
C GLY A 54 3.78 -1.27 21.79
N THR A 55 4.91 -1.10 21.10
CA THR A 55 5.85 -0.04 21.51
C THR A 55 5.18 1.32 21.33
N VAL A 56 5.29 2.14 22.36
CA VAL A 56 4.86 3.54 22.31
C VAL A 56 6.02 4.31 21.68
N LEU A 57 5.78 4.87 20.52
CA LEU A 57 6.79 5.58 19.72
C LEU A 57 6.97 7.05 20.12
N PHE A 58 5.93 7.63 20.71
CA PHE A 58 5.89 9.05 21.16
C PHE A 58 4.67 9.19 22.01
N GLU A 59 4.83 9.95 23.08
CA GLU A 59 3.68 10.36 23.86
C GLU A 59 3.99 11.70 24.53
N ILE A 60 2.96 12.56 24.58
CA ILE A 60 3.06 13.89 25.22
C ILE A 60 1.72 14.17 25.83
N LYS A 61 1.74 14.74 27.02
CA LYS A 61 0.55 15.19 27.71
C LYS A 61 0.79 16.64 28.12
N LYS A 62 -0.20 17.50 28.07
CA LYS A 62 -0.03 18.74 28.83
C LYS A 62 -1.06 18.87 29.97
N PRO A 63 -0.68 19.49 31.12
CA PRO A 63 -1.71 19.83 32.11
C PRO A 63 -1.98 21.33 32.09
N PRO A 78 5.32 32.02 18.30
CA PRO A 78 5.35 32.80 17.05
C PRO A 78 4.80 31.96 15.91
N ASN A 79 5.06 30.65 16.07
CA ASN A 79 4.33 29.58 15.49
C ASN A 79 3.03 29.52 16.28
N ALA A 80 3.15 29.75 17.60
CA ALA A 80 2.10 29.63 18.63
C ALA A 80 1.66 28.19 19.05
N GLY A 81 2.62 27.27 19.31
CA GLY A 81 2.27 25.87 19.68
C GLY A 81 1.60 25.07 18.52
N ARG A 82 1.93 25.40 17.29
CA ARG A 82 1.27 24.79 16.13
C ARG A 82 2.27 23.93 15.33
N PHE A 83 3.56 23.99 15.73
CA PHE A 83 4.65 23.25 14.99
C PHE A 83 5.25 22.27 15.97
N VAL A 84 5.41 21.04 15.54
CA VAL A 84 6.08 20.04 16.37
C VAL A 84 7.16 19.36 15.52
N ARG A 85 8.28 19.08 16.14
CA ARG A 85 9.29 18.28 15.47
C ARG A 85 9.42 16.94 16.09
N TYR A 86 9.52 15.89 15.27
CA TYR A 86 9.68 14.53 15.75
C TYR A 86 11.01 13.89 15.48
N GLN A 87 11.47 13.07 16.41
CA GLN A 87 12.72 12.30 16.20
C GLN A 87 12.38 10.82 16.39
N PHE A 88 12.29 10.10 15.29
CA PHE A 88 11.95 8.71 15.30
C PHE A 88 13.17 7.93 14.83
N THR A 89 13.08 6.60 14.84
CA THR A 89 14.22 5.81 14.35
C THR A 89 13.98 5.43 12.89
N PRO A 90 15.01 4.92 12.21
CA PRO A 90 14.84 4.46 10.84
C PRO A 90 13.84 3.31 10.71
N ALA A 91 13.67 2.52 11.75
CA ALA A 91 12.66 1.43 11.74
C ALA A 91 11.20 1.92 11.56
N PHE A 92 10.89 3.11 12.03
CA PHE A 92 9.57 3.76 11.86
C PHE A 92 9.09 3.67 10.41
N LEU A 93 10.02 3.87 9.48
CA LEU A 93 9.71 3.93 8.11
C LEU A 93 9.32 2.60 7.52
N ARG A 94 9.50 1.52 8.26
CA ARG A 94 9.11 0.25 7.73
C ARG A 94 7.91 -0.28 8.51
N LEU A 95 7.33 0.56 9.38
CA LEU A 95 6.11 0.09 10.10
C LEU A 95 4.94 -0.13 9.18
N ARG A 96 4.06 -1.04 9.56
CA ARG A 96 2.80 -1.27 8.84
C ARG A 96 1.69 -0.33 9.25
N GLN A 97 1.53 -0.20 10.58
CA GLN A 97 0.35 0.51 11.07
C GLN A 97 0.63 1.11 12.43
N VAL A 98 0.23 2.35 12.60
CA VAL A 98 0.47 3.03 13.82
C VAL A 98 -0.87 3.50 14.38
N GLY A 99 -1.06 3.38 15.68
CA GLY A 99 -2.33 3.83 16.27
C GLY A 99 -2.07 5.08 17.05
N ALA A 100 -2.79 6.14 16.73
CA ALA A 100 -2.63 7.38 17.45
C ALA A 100 -3.82 7.57 18.37
N THR A 101 -3.56 7.85 19.63
CA THR A 101 -4.58 8.21 20.63
C THR A 101 -4.48 9.71 20.85
N VAL A 102 -5.62 10.37 20.68
N VAL A 102 -5.60 10.42 20.68
CA VAL A 102 -5.71 11.83 20.81
CA VAL A 102 -5.57 11.90 20.83
C VAL A 102 -6.70 12.10 21.94
C VAL A 102 -6.70 12.35 21.73
N GLU A 103 -6.35 13.02 22.83
CA GLU A 103 -7.32 13.54 23.77
C GLU A 103 -7.39 15.01 23.54
N PHE A 104 -8.59 15.56 23.55
CA PHE A 104 -8.75 16.95 23.28
C PHE A 104 -9.92 17.49 24.15
N THR A 105 -9.82 18.76 24.53
CA THR A 105 -11.04 19.35 25.10
C THR A 105 -11.73 20.15 24.04
N VAL A 106 -12.99 20.42 24.29
CA VAL A 106 -13.85 21.14 23.37
C VAL A 106 -14.62 22.16 24.22
N GLY A 107 -14.86 23.31 23.64
CA GLY A 107 -15.59 24.37 24.34
C GLY A 107 -17.07 24.12 24.30
N ASP A 108 -17.85 25.17 24.56
CA ASP A 108 -19.30 25.01 24.78
C ASP A 108 -20.16 25.00 23.51
N LYS A 109 -19.57 25.33 22.36
CA LYS A 109 -20.24 25.19 21.07
C LYS A 109 -20.27 23.72 20.56
N PRO A 110 -21.47 23.21 20.14
CA PRO A 110 -21.41 21.85 19.62
C PRO A 110 -20.49 21.73 18.41
N VAL A 111 -19.82 20.58 18.31
CA VAL A 111 -18.89 20.31 17.23
C VAL A 111 -19.45 19.16 16.41
N ASN A 112 -19.75 19.44 15.14
CA ASN A 112 -20.27 18.41 14.23
C ASN A 112 -19.31 18.20 13.03
N ASN A 113 -19.13 16.95 12.61
N ASN A 113 -19.18 16.94 12.61
CA ASN A 113 -18.35 16.62 11.41
CA ASN A 113 -18.30 16.50 11.53
C ASN A 113 -16.90 17.12 11.57
C ASN A 113 -16.95 17.21 11.65
N PHE A 114 -16.30 16.84 12.74
CA PHE A 114 -14.90 17.16 13.00
C PHE A 114 -14.05 16.15 12.25
N ARG A 115 -13.13 16.66 11.47
CA ARG A 115 -12.42 15.90 10.48
C ARG A 115 -10.97 16.42 10.40
N MET A 116 -10.00 15.51 10.32
CA MET A 116 -8.63 15.93 10.01
C MET A 116 -8.14 15.33 8.69
N ILE A 117 -7.59 16.20 7.88
CA ILE A 117 -6.86 15.74 6.70
C ILE A 117 -5.37 16.04 6.95
N GLU A 118 -4.55 14.99 7.01
CA GLU A 118 -3.16 15.25 7.33
C GLU A 118 -2.27 14.74 6.20
N ARG A 119 -1.40 15.58 5.65
CA ARG A 119 -0.66 15.16 4.40
C ARG A 119 0.83 15.21 4.70
N HIS A 120 1.51 14.12 4.39
CA HIS A 120 2.92 13.93 4.64
C HIS A 120 3.65 13.95 3.32
N TYR A 121 4.76 14.73 3.28
CA TYR A 121 5.56 14.87 2.12
C TYR A 121 7.04 14.68 2.47
N PHE A 122 7.82 14.13 1.54
CA PHE A 122 9.27 14.23 1.66
C PHE A 122 9.72 15.11 0.46
N ARG A 123 10.34 16.24 0.78
CA ARG A 123 10.77 17.25 -0.21
C ARG A 123 9.64 17.60 -1.16
N ASN A 124 8.50 17.93 -0.62
CA ASN A 124 7.39 18.11 -1.61
C ASN A 124 6.99 17.00 -2.63
N GLN A 125 7.35 15.74 -2.30
CA GLN A 125 6.76 14.52 -2.89
C GLN A 125 5.69 14.02 -1.86
N LEU A 126 4.41 14.07 -2.20
CA LEU A 126 3.34 13.49 -1.35
C LEU A 126 3.65 12.02 -1.00
N LEU A 127 3.78 11.71 0.30
CA LEU A 127 3.95 10.33 0.69
C LEU A 127 2.54 9.71 0.92
N LYS A 128 1.73 10.34 1.77
CA LYS A 128 0.34 9.88 1.98
C LYS A 128 -0.45 10.97 2.62
N SER A 129 -1.75 11.01 2.32
CA SER A 129 -2.70 11.86 2.97
C SER A 129 -3.65 10.96 3.79
N PHE A 130 -3.93 11.33 5.04
CA PHE A 130 -4.80 10.51 5.90
C PHE A 130 -6.01 11.41 6.15
N ASP A 131 -7.20 10.84 6.04
CA ASP A 131 -8.43 11.61 6.21
C ASP A 131 -9.20 10.94 7.34
N PHE A 132 -9.26 11.56 8.53
CA PHE A 132 -9.88 10.89 9.66
C PHE A 132 -11.13 11.66 10.06
N HIS A 133 -12.24 10.97 10.29
CA HIS A 133 -13.41 11.64 10.89
C HIS A 133 -13.47 11.28 12.36
N PHE A 134 -13.58 12.29 13.21
CA PHE A 134 -13.60 12.04 14.67
C PHE A 134 -15.00 11.50 14.92
N GLY A 135 -15.19 10.72 15.96
CA GLY A 135 -16.51 10.27 16.33
C GLY A 135 -17.21 11.49 16.95
N PHE A 136 -18.30 11.23 17.66
CA PHE A 136 -19.09 12.31 18.17
C PHE A 136 -18.32 13.08 19.23
N CYS A 137 -18.33 14.42 19.10
CA CYS A 137 -17.60 15.32 20.04
C CYS A 137 -18.56 15.95 21.05
N ILE A 138 -18.37 15.61 22.31
CA ILE A 138 -19.12 16.07 23.46
C ILE A 138 -18.64 17.49 23.85
N PRO A 139 -19.53 18.48 23.81
CA PRO A 139 -19.10 19.86 24.12
C PRO A 139 -18.72 19.96 25.55
N SER A 140 -17.84 20.92 25.85
CA SER A 140 -17.43 21.29 27.21
C SER A 140 -16.82 20.15 27.99
N SER A 141 -16.08 19.30 27.27
CA SER A 141 -15.65 18.01 27.78
C SER A 141 -14.32 17.59 27.16
N LYS A 142 -13.59 16.69 27.85
CA LYS A 142 -12.45 15.98 27.29
C LYS A 142 -13.02 14.79 26.50
N ASN A 143 -12.48 14.64 25.31
CA ASN A 143 -12.92 13.67 24.34
C ASN A 143 -11.65 12.89 23.93
N THR A 144 -11.84 11.66 23.43
CA THR A 144 -10.73 10.82 22.98
C THR A 144 -11.05 10.28 21.62
N CYS A 145 -10.02 10.09 20.80
CA CYS A 145 -10.21 9.50 19.50
C CYS A 145 -9.02 8.63 19.25
N GLU A 146 -9.23 7.53 18.55
CA GLU A 146 -8.10 6.76 18.03
C GLU A 146 -8.02 6.83 16.52
N HIS A 147 -6.88 7.31 15.99
CA HIS A 147 -6.64 7.32 14.55
C HIS A 147 -5.69 6.17 14.15
N ILE A 148 -6.06 5.39 13.13
CA ILE A 148 -5.18 4.31 12.71
C ILE A 148 -4.50 4.75 11.40
N TYR A 149 -3.19 4.93 11.42
CA TYR A 149 -2.45 5.22 10.20
C TYR A 149 -1.93 3.94 9.56
N ASP A 150 -2.34 3.66 8.31
CA ASP A 150 -1.75 2.56 7.54
C ASP A 150 -0.64 3.22 6.70
N PHE A 151 0.60 2.84 6.99
CA PHE A 151 1.74 3.50 6.35
C PHE A 151 1.77 3.12 4.89
N PRO A 152 2.13 4.10 3.99
CA PRO A 152 2.26 3.76 2.59
C PRO A 152 3.53 2.87 2.47
N PRO A 153 3.55 1.88 1.57
CA PRO A 153 4.84 1.14 1.31
C PRO A 153 5.81 2.12 0.68
N LEU A 154 6.94 2.43 1.30
CA LEU A 154 7.91 3.41 0.72
C LEU A 154 9.00 2.61 -0.03
N SER A 155 9.46 3.11 -1.17
CA SER A 155 10.52 2.42 -1.91
C SER A 155 11.83 2.55 -1.11
N GLU A 156 12.78 1.68 -1.40
CA GLU A 156 14.08 1.68 -0.71
C GLU A 156 14.82 2.98 -0.92
N GLU A 157 14.68 3.56 -2.11
CA GLU A 157 15.34 4.83 -2.36
C GLU A 157 14.77 5.94 -1.50
N LEU A 158 13.43 6.04 -1.40
CA LEU A 158 12.80 7.00 -0.49
C LEU A 158 13.16 6.83 0.97
N ILE A 159 13.11 5.60 1.43
CA ILE A 159 13.46 5.37 2.85
C ILE A 159 14.94 5.84 3.10
N SER A 160 15.84 5.57 2.16
CA SER A 160 17.24 5.95 2.44
C SER A 160 17.38 7.45 2.42
N GLU A 161 16.70 8.12 1.49
CA GLU A 161 16.74 9.57 1.36
C GLU A 161 16.13 10.21 2.61
N MET A 162 15.00 9.69 3.06
CA MET A 162 14.35 10.27 4.27
C MET A 162 15.21 10.09 5.55
N ILE A 163 15.94 8.97 5.65
CA ILE A 163 16.88 8.75 6.78
C ILE A 163 18.05 9.76 6.66
N ARG A 164 18.56 9.96 5.44
CA ARG A 164 19.68 10.88 5.22
C ARG A 164 19.37 12.36 5.37
N HIS A 165 18.11 12.76 5.21
CA HIS A 165 17.77 14.18 5.17
C HIS A 165 16.73 14.51 6.24
N PRO A 166 17.14 14.50 7.53
CA PRO A 166 16.19 14.74 8.60
C PRO A 166 15.52 16.09 8.44
N TYR A 167 14.23 16.13 8.81
CA TYR A 167 13.38 17.31 8.77
C TYR A 167 12.97 17.79 7.39
N GLU A 168 13.40 17.07 6.36
CA GLU A 168 12.85 17.32 5.04
C GLU A 168 11.57 16.55 4.80
N THR A 169 11.27 15.60 5.71
CA THR A 169 9.87 15.07 5.72
C THR A 169 9.03 15.97 6.65
N GLN A 170 7.88 16.38 6.17
CA GLN A 170 7.07 17.35 6.82
C GLN A 170 5.58 17.01 6.60
N SER A 171 4.73 17.49 7.46
CA SER A 171 3.26 17.27 7.30
C SER A 171 2.48 18.54 7.63
N ASP A 172 1.32 18.62 7.00
CA ASP A 172 0.33 19.62 7.31
C ASP A 172 -0.87 18.86 7.89
N SER A 173 -1.35 19.32 9.02
CA SER A 173 -2.51 18.72 9.63
C SER A 173 -3.66 19.76 9.56
N PHE A 174 -4.67 19.47 8.77
CA PHE A 174 -5.77 20.46 8.53
C PHE A 174 -7.03 19.98 9.25
N TYR A 175 -7.58 20.76 10.16
CA TYR A 175 -8.68 20.30 10.97
C TYR A 175 -9.93 21.11 10.56
N PHE A 176 -11.04 20.41 10.36
CA PHE A 176 -12.26 21.02 9.79
C PHE A 176 -13.39 20.74 10.74
N VAL A 177 -14.31 21.70 10.89
CA VAL A 177 -15.57 21.48 11.64
C VAL A 177 -16.65 21.95 10.65
N ASP A 178 -17.62 21.12 10.34
CA ASP A 178 -18.62 21.42 9.32
C ASP A 178 -17.98 21.99 8.06
N ASP A 179 -16.95 21.29 7.56
CA ASP A 179 -16.36 21.64 6.29
C ASP A 179 -15.59 22.93 6.25
N ARG A 180 -15.37 23.55 7.39
CA ARG A 180 -14.55 24.75 7.40
C ARG A 180 -13.28 24.56 8.23
N LEU A 181 -12.18 25.12 7.77
CA LEU A 181 -10.88 24.91 8.42
C LEU A 181 -10.82 25.71 9.68
N VAL A 182 -10.58 25.00 10.77
CA VAL A 182 -10.53 25.66 12.08
C VAL A 182 -9.14 25.66 12.76
N MET A 183 -8.27 24.73 12.38
CA MET A 183 -6.92 24.59 12.91
C MET A 183 -6.02 24.01 11.83
N HIS A 184 -4.77 24.43 11.92
CA HIS A 184 -3.76 23.98 10.98
C HIS A 184 -2.47 23.83 11.73
N ASN A 185 -2.03 22.59 11.93
CA ASN A 185 -0.73 22.35 12.54
C ASN A 185 0.28 21.80 11.57
N LYS A 186 1.55 22.06 11.88
CA LYS A 186 2.65 21.65 11.06
C LYS A 186 3.64 20.78 11.84
N ALA A 187 4.32 19.90 11.16
CA ALA A 187 5.28 19.00 11.81
C ALA A 187 6.42 18.73 10.90
N ASP A 188 7.59 18.37 11.47
CA ASP A 188 8.62 17.80 10.62
C ASP A 188 9.33 16.69 11.39
N TYR A 189 10.00 15.84 10.65
CA TYR A 189 10.35 14.49 11.14
C TYR A 189 11.83 14.23 10.87
N SER A 190 12.48 13.62 11.84
CA SER A 190 13.76 12.98 11.57
C SER A 190 13.59 11.47 11.81
N TYR A 191 14.35 10.66 11.06
CA TYR A 191 14.41 9.20 11.19
C TYR A 191 15.79 8.76 11.42
N SER A 192 16.57 9.63 12.03
CA SER A 192 17.99 9.40 12.22
C SER A 192 18.23 8.84 13.59
N GLY A 193 17.17 8.54 14.34
CA GLY A 193 17.28 7.85 15.61
C GLY A 193 18.31 8.52 16.52
N ILE B 15 48.87 -18.69 16.40
CA ILE B 15 48.06 -18.06 15.32
C ILE B 15 48.81 -16.78 14.96
N GLY B 16 48.98 -16.52 13.69
CA GLY B 16 49.74 -15.33 13.26
C GLY B 16 48.86 -14.41 12.42
N PRO B 17 49.35 -13.18 12.11
CA PRO B 17 48.62 -12.23 11.28
C PRO B 17 48.27 -12.84 9.97
N GLU B 18 49.17 -13.63 9.41
CA GLU B 18 48.91 -14.27 8.13
C GLU B 18 47.63 -15.08 8.20
N ASP B 19 47.40 -15.75 9.31
CA ASP B 19 46.25 -16.63 9.44
C ASP B 19 44.90 -15.83 9.41
N VAL B 20 44.86 -14.70 10.10
CA VAL B 20 43.57 -13.95 10.22
C VAL B 20 43.32 -13.04 9.04
N LEU B 21 44.39 -12.66 8.32
CA LEU B 21 44.25 -11.74 7.17
C LEU B 21 43.56 -12.35 5.99
N GLY B 22 43.34 -13.65 6.00
CA GLY B 22 42.50 -14.23 4.95
C GLY B 22 41.06 -14.55 5.35
N LEU B 23 40.71 -14.35 6.63
CA LEU B 23 39.36 -14.74 7.08
C LEU B 23 38.29 -14.01 6.31
N GLN B 24 37.31 -14.78 5.83
CA GLN B 24 36.28 -14.23 4.97
C GLN B 24 34.93 -14.23 5.73
N ARG B 25 34.94 -14.75 6.95
CA ARG B 25 33.80 -14.69 7.86
C ARG B 25 34.24 -14.31 9.25
N ILE B 26 33.30 -13.83 10.04
CA ILE B 26 33.49 -13.71 11.47
C ILE B 26 33.80 -15.09 12.08
N THR B 27 34.67 -15.15 13.07
CA THR B 27 35.00 -16.48 13.68
C THR B 27 33.83 -16.98 14.56
N GLY B 28 33.69 -18.31 14.71
CA GLY B 28 32.55 -18.88 15.45
C GLY B 28 32.90 -19.01 16.92
N ASP B 29 34.16 -18.73 17.26
CA ASP B 29 34.56 -18.71 18.64
C ASP B 29 35.74 -17.78 18.80
N TYR B 30 36.09 -17.45 20.04
CA TYR B 30 37.33 -16.72 20.31
C TYR B 30 38.55 -17.60 19.96
N LEU B 31 39.57 -16.97 19.42
CA LEU B 31 40.68 -17.73 18.91
C LEU B 31 41.77 -17.91 19.92
N CYS B 32 41.67 -17.25 21.07
CA CYS B 32 42.58 -17.48 22.16
C CYS B 32 41.84 -17.29 23.45
N SER B 33 42.42 -17.76 24.53
CA SER B 33 41.79 -17.63 25.86
C SER B 33 42.42 -16.39 26.48
N PRO B 34 41.82 -15.87 27.57
CA PRO B 34 42.35 -14.73 28.33
C PRO B 34 43.82 -14.89 28.80
N GLU B 35 44.18 -16.14 29.06
CA GLU B 35 45.47 -16.47 29.69
C GLU B 35 46.61 -16.28 28.71
N GLU B 36 46.26 -16.26 27.42
CA GLU B 36 47.25 -15.99 26.42
C GLU B 36 47.74 -14.56 26.41
N ASN B 37 47.04 -13.68 27.14
CA ASN B 37 47.46 -12.29 27.36
C ASN B 37 48.54 -12.22 28.45
N ILE B 38 49.68 -12.84 28.18
CA ILE B 38 50.79 -12.81 29.17
C ILE B 38 51.41 -11.42 29.41
N TYR B 39 51.10 -10.46 28.53
CA TYR B 39 51.72 -9.13 28.64
C TYR B 39 50.88 -8.20 29.46
N LYS B 40 49.74 -8.70 29.92
CA LYS B 40 48.77 -7.95 30.72
C LYS B 40 48.33 -6.62 30.05
N ILE B 41 48.06 -6.69 28.77
CA ILE B 41 47.44 -5.58 28.04
C ILE B 41 45.98 -5.42 28.52
N ASP B 42 45.73 -4.26 29.13
CA ASP B 42 44.43 -3.93 29.55
C ASP B 42 43.98 -2.55 28.94
N PHE B 43 42.90 -2.58 28.14
CA PHE B 43 42.38 -1.31 27.61
C PHE B 43 41.55 -0.64 28.67
N VAL B 44 41.90 0.60 29.01
CA VAL B 44 41.25 1.29 30.06
C VAL B 44 40.49 2.52 29.58
N ARG B 45 40.69 2.92 28.32
CA ARG B 45 39.94 4.03 27.72
C ARG B 45 39.78 3.78 26.24
N PHE B 46 38.57 4.01 25.73
CA PHE B 46 38.37 3.89 24.32
C PHE B 46 37.40 5.00 23.89
N LYS B 47 37.76 5.72 22.84
CA LYS B 47 36.98 6.88 22.40
C LYS B 47 37.01 6.98 20.87
N ILE B 48 35.88 7.20 20.24
CA ILE B 48 35.89 7.43 18.82
C ILE B 48 35.26 8.76 18.49
N ARG B 49 35.94 9.52 17.65
N ARG B 49 35.92 9.54 17.67
CA ARG B 49 35.56 10.90 17.21
CA ARG B 49 35.32 10.81 17.24
C ARG B 49 35.31 10.93 15.69
C ARG B 49 35.26 10.91 15.71
N ASP B 50 34.28 11.66 15.24
CA ASP B 50 34.06 11.87 13.81
C ASP B 50 35.07 12.98 13.39
N MET B 51 35.97 12.68 12.45
CA MET B 51 37.07 13.67 12.15
C MET B 51 36.54 14.88 11.39
N ASP B 52 35.32 14.78 10.88
CA ASP B 52 34.74 15.90 10.11
C ASP B 52 33.79 16.78 10.88
N SER B 53 33.58 16.51 12.17
CA SER B 53 32.66 17.30 12.95
C SER B 53 33.14 17.48 14.35
N GLY B 54 34.11 16.65 14.83
CA GLY B 54 34.49 16.60 16.23
C GLY B 54 33.49 15.95 17.20
N THR B 55 32.38 15.43 16.68
CA THR B 55 31.40 14.75 17.54
C THR B 55 32.04 13.50 18.15
N VAL B 56 31.84 13.28 19.44
CA VAL B 56 32.35 12.09 20.08
C VAL B 56 31.29 11.01 19.89
N LEU B 57 31.61 9.98 19.11
CA LEU B 57 30.63 8.97 18.75
C LEU B 57 30.45 7.89 19.85
N PHE B 58 31.50 7.69 20.62
CA PHE B 58 31.45 6.70 21.71
C PHE B 58 32.65 7.03 22.57
N GLU B 59 32.48 6.90 23.89
CA GLU B 59 33.57 6.98 24.83
C GLU B 59 33.33 6.17 26.09
N ILE B 60 34.33 5.37 26.49
CA ILE B 60 34.27 4.68 27.78
C ILE B 60 35.60 4.71 28.48
N LYS B 61 35.56 4.70 29.80
CA LYS B 61 36.76 4.55 30.62
C LYS B 61 36.46 3.66 31.79
N LYS B 62 37.47 2.89 32.21
CA LYS B 62 37.46 2.16 33.51
C LYS B 62 37.81 3.11 34.66
N PRO B 63 37.24 2.91 35.88
CA PRO B 63 37.52 3.96 36.88
C PRO B 63 38.88 3.71 37.60
N PRO B 78 31.64 -14.66 30.76
CA PRO B 78 32.50 -15.30 29.72
C PRO B 78 32.83 -14.36 28.51
N ASN B 79 31.87 -13.49 28.14
CA ASN B 79 32.11 -12.38 27.20
C ASN B 79 32.63 -11.12 27.91
N ALA B 80 32.80 -11.25 29.24
CA ALA B 80 33.26 -10.18 30.09
C ALA B 80 34.63 -9.69 29.64
N GLY B 81 34.62 -8.48 29.08
CA GLY B 81 35.84 -7.79 28.69
C GLY B 81 36.23 -8.19 27.30
N ARG B 82 35.44 -9.08 26.69
CA ARG B 82 35.82 -9.57 25.37
C ARG B 82 34.83 -9.17 24.29
N PHE B 83 33.57 -8.89 24.68
CA PHE B 83 32.55 -8.58 23.71
C PHE B 83 31.95 -7.22 23.96
N VAL B 84 31.76 -6.45 22.90
CA VAL B 84 31.12 -5.13 23.08
C VAL B 84 30.03 -4.93 22.04
N ARG B 85 28.90 -4.35 22.45
CA ARG B 85 27.81 -4.09 21.52
C ARG B 85 27.70 -2.58 21.40
N TYR B 86 27.67 -2.08 20.17
CA TYR B 86 27.61 -0.64 19.90
C TYR B 86 26.26 -0.24 19.33
N GLN B 87 25.76 0.90 19.74
CA GLN B 87 24.50 1.44 19.15
C GLN B 87 24.82 2.78 18.56
N PHE B 88 24.91 2.87 17.23
CA PHE B 88 25.28 4.09 16.54
C PHE B 88 24.10 4.55 15.70
N THR B 89 24.19 5.73 15.07
CA THR B 89 23.07 6.23 14.31
C THR B 89 23.29 5.81 12.82
N PRO B 90 22.26 5.88 11.99
CA PRO B 90 22.38 5.64 10.54
C PRO B 90 23.38 6.53 9.83
N ALA B 91 23.59 7.72 10.37
CA ALA B 91 24.59 8.68 9.85
C ALA B 91 26.03 8.18 10.05
N PHE B 92 26.26 7.26 10.98
CA PHE B 92 27.58 6.68 11.19
C PHE B 92 28.10 6.02 9.91
N LEU B 93 27.17 5.42 9.15
CA LEU B 93 27.53 4.64 7.96
C LEU B 93 27.97 5.54 6.80
N ARG B 94 27.65 6.82 6.87
CA ARG B 94 28.10 7.77 5.85
C ARG B 94 29.34 8.58 6.25
N LEU B 95 29.98 8.22 7.35
CA LEU B 95 31.20 8.95 7.74
C LEU B 95 32.38 8.64 6.84
N ARG B 96 33.36 9.54 6.81
CA ARG B 96 34.53 9.39 5.97
C ARG B 96 35.68 8.82 6.82
N GLN B 97 35.85 9.37 8.02
CA GLN B 97 37.00 9.05 8.82
C GLN B 97 36.69 9.18 10.33
N VAL B 98 37.03 8.18 11.11
CA VAL B 98 36.84 8.26 12.55
C VAL B 98 38.17 8.10 13.27
N GLY B 99 38.42 8.92 14.28
CA GLY B 99 39.66 8.88 15.04
C GLY B 99 39.38 8.09 16.31
N ALA B 100 40.13 7.00 16.53
CA ALA B 100 39.98 6.20 17.76
C ALA B 100 41.17 6.48 18.70
N THR B 101 40.91 6.89 19.95
CA THR B 101 41.95 7.06 20.95
C THR B 101 41.81 5.93 21.95
N VAL B 102 42.85 5.15 22.11
CA VAL B 102 42.88 4.04 23.04
C VAL B 102 43.95 4.28 24.11
N GLU B 103 43.60 4.03 25.38
CA GLU B 103 44.61 4.02 26.45
C GLU B 103 44.63 2.63 27.02
N PHE B 104 45.85 2.12 27.26
CA PHE B 104 45.95 0.77 27.74
C PHE B 104 47.17 0.59 28.68
N THR B 105 47.05 -0.28 29.67
CA THR B 105 48.23 -0.54 30.53
C THR B 105 48.86 -1.79 30.06
N VAL B 106 50.15 -1.92 30.35
CA VAL B 106 50.92 -3.06 29.93
C VAL B 106 51.70 -3.59 31.18
N GLY B 107 52.02 -4.89 31.16
CA GLY B 107 52.74 -5.53 32.29
C GLY B 107 54.24 -5.23 32.20
N ASP B 108 55.06 -6.00 32.90
CA ASP B 108 56.49 -5.70 32.93
C ASP B 108 57.33 -6.31 31.83
N LYS B 109 56.75 -7.16 30.98
CA LYS B 109 57.48 -7.72 29.86
C LYS B 109 57.41 -6.81 28.66
N PRO B 110 58.53 -6.63 27.98
CA PRO B 110 58.47 -5.82 26.76
C PRO B 110 57.51 -6.38 25.71
N VAL B 111 56.75 -5.46 25.12
CA VAL B 111 55.74 -5.85 24.13
C VAL B 111 56.31 -5.44 22.78
N ASN B 112 56.87 -6.36 22.01
CA ASN B 112 57.36 -5.88 20.72
C ASN B 112 56.33 -6.07 19.66
N ASN B 113 56.32 -5.13 18.71
CA ASN B 113 55.44 -5.16 17.56
C ASN B 113 53.97 -5.49 17.94
N PHE B 114 53.44 -4.76 18.91
CA PHE B 114 52.00 -4.80 19.27
C PHE B 114 51.23 -4.24 18.06
N ARG B 115 50.40 -5.09 17.47
CA ARG B 115 49.68 -4.82 16.24
C ARG B 115 48.23 -5.34 16.37
N MET B 116 47.26 -4.63 15.79
CA MET B 116 45.86 -5.09 15.73
C MET B 116 45.41 -5.29 14.31
N ILE B 117 44.79 -6.44 14.04
CA ILE B 117 44.08 -6.63 12.80
C ILE B 117 42.59 -6.74 13.13
N GLU B 118 41.77 -5.87 12.55
CA GLU B 118 40.35 -5.76 12.96
C GLU B 118 39.52 -5.80 11.72
N ARG B 119 38.69 -6.84 11.63
CA ARG B 119 37.96 -7.12 10.44
C ARG B 119 36.47 -6.94 10.68
N HIS B 120 35.85 -6.14 9.84
CA HIS B 120 34.47 -5.74 10.05
C HIS B 120 33.67 -6.41 8.94
N TYR B 121 32.55 -7.05 9.31
CA TYR B 121 31.76 -7.83 8.32
C TYR B 121 30.28 -7.44 8.47
N PHE B 122 29.53 -7.42 7.36
CA PHE B 122 28.06 -7.48 7.39
C PHE B 122 27.65 -8.86 6.87
N ARG B 123 26.99 -9.63 7.74
CA ARG B 123 26.64 -11.03 7.54
C ARG B 123 27.96 -11.68 7.06
N ASN B 124 28.03 -12.35 5.94
CA ASN B 124 29.47 -12.77 5.87
C ASN B 124 30.32 -12.09 4.79
N GLN B 125 30.05 -10.80 4.57
CA GLN B 125 30.76 -10.00 3.58
C GLN B 125 31.70 -9.05 4.33
N LEU B 126 33.00 -9.21 4.09
CA LEU B 126 34.01 -8.32 4.63
C LEU B 126 33.78 -6.90 4.17
N LEU B 127 33.68 -5.96 5.10
CA LEU B 127 33.49 -4.54 4.77
C LEU B 127 34.88 -3.88 4.68
N LYS B 128 35.70 -4.12 5.70
CA LYS B 128 37.10 -3.62 5.65
C LYS B 128 37.89 -4.26 6.76
N SER B 129 39.16 -4.50 6.47
CA SER B 129 40.07 -4.99 7.51
C SER B 129 41.03 -3.79 7.80
N PHE B 130 41.26 -3.51 9.06
CA PHE B 130 42.13 -2.45 9.43
C PHE B 130 43.32 -3.08 10.11
N ASP B 131 44.50 -2.54 9.86
CA ASP B 131 45.70 -3.13 10.44
C ASP B 131 46.50 -2.02 11.09
N PHE B 132 46.52 -1.97 12.40
CA PHE B 132 47.10 -0.85 13.13
C PHE B 132 48.28 -1.35 13.99
N HIS B 133 49.34 -0.57 14.07
CA HIS B 133 50.50 -0.89 14.97
C HIS B 133 50.46 0.13 16.05
N PHE B 134 50.73 -0.30 17.28
CA PHE B 134 50.62 0.61 18.40
C PHE B 134 51.92 1.30 18.68
N GLY B 135 53.02 0.86 18.05
CA GLY B 135 54.37 1.42 18.36
C GLY B 135 54.92 0.98 19.69
N PHE B 136 55.80 1.79 20.29
CA PHE B 136 56.44 1.36 21.55
C PHE B 136 55.47 1.33 22.72
N CYS B 137 55.44 0.20 23.43
CA CYS B 137 54.69 0.05 24.67
C CYS B 137 55.61 0.20 25.86
N ILE B 138 55.36 1.22 26.67
CA ILE B 138 56.10 1.42 27.92
C ILE B 138 55.62 0.36 28.94
N PRO B 139 56.54 -0.55 29.39
CA PRO B 139 56.16 -1.54 30.41
C PRO B 139 55.69 -0.86 31.67
N SER B 140 54.77 -1.54 32.36
CA SER B 140 54.24 -1.20 33.66
C SER B 140 53.70 0.18 33.71
N SER B 141 53.24 0.73 32.58
CA SER B 141 52.66 2.08 32.58
C SER B 141 51.45 2.11 31.64
N LYS B 142 50.76 3.25 31.66
CA LYS B 142 49.70 3.58 30.74
C LYS B 142 50.32 4.05 29.45
N ASN B 143 49.67 3.67 28.36
CA ASN B 143 50.08 4.05 27.03
C ASN B 143 48.84 4.60 26.36
N THR B 144 49.06 5.51 25.40
CA THR B 144 47.96 6.06 24.56
C THR B 144 48.33 5.96 23.09
N CYS B 145 47.37 5.54 22.29
CA CYS B 145 47.58 5.53 20.89
C CYS B 145 46.32 6.04 20.16
N GLU B 146 46.55 6.72 19.06
CA GLU B 146 45.45 7.22 18.23
C GLU B 146 45.53 6.57 16.87
N HIS B 147 44.45 5.96 16.44
CA HIS B 147 44.37 5.24 15.17
C HIS B 147 43.28 5.87 14.30
N ILE B 148 43.48 5.94 12.99
CA ILE B 148 42.51 6.54 12.14
C ILE B 148 41.82 5.45 11.30
N TYR B 149 40.49 5.36 11.38
CA TYR B 149 39.75 4.45 10.54
C TYR B 149 39.25 5.22 9.35
N ASP B 150 39.71 4.84 8.16
CA ASP B 150 39.14 5.37 6.95
C ASP B 150 37.99 4.46 6.53
N PHE B 151 36.77 4.98 6.52
CA PHE B 151 35.61 4.13 6.20
C PHE B 151 35.62 3.61 4.77
N PRO B 152 35.26 2.34 4.58
CA PRO B 152 35.22 1.89 3.17
C PRO B 152 34.00 2.51 2.47
N PRO B 153 34.02 2.61 1.12
CA PRO B 153 32.82 3.02 0.35
C PRO B 153 31.74 1.93 0.52
N LEU B 154 30.55 2.32 0.94
CA LEU B 154 29.48 1.31 1.14
C LEU B 154 28.38 1.65 0.16
N SER B 155 27.83 0.64 -0.51
CA SER B 155 26.71 0.85 -1.43
C SER B 155 25.45 1.26 -0.69
N GLU B 156 24.52 1.90 -1.38
CA GLU B 156 23.26 2.28 -0.78
C GLU B 156 22.54 1.03 -0.28
N GLU B 157 22.65 -0.07 -1.03
CA GLU B 157 21.97 -1.30 -0.66
C GLU B 157 22.52 -1.88 0.63
N LEU B 158 23.84 -1.82 0.76
CA LEU B 158 24.49 -2.30 1.94
C LEU B 158 24.13 -1.43 3.15
N ILE B 159 24.14 -0.11 2.97
CA ILE B 159 23.82 0.81 4.07
C ILE B 159 22.37 0.49 4.53
N SER B 160 21.42 0.30 3.61
CA SER B 160 20.06 0.02 4.06
C SER B 160 19.94 -1.27 4.77
N GLU B 161 20.69 -2.29 4.34
CA GLU B 161 20.54 -3.57 5.00
C GLU B 161 21.17 -3.53 6.38
N MET B 162 22.29 -2.80 6.50
CA MET B 162 22.98 -2.67 7.77
C MET B 162 22.08 -1.92 8.77
N ILE B 163 21.32 -0.95 8.31
CA ILE B 163 20.34 -0.21 9.16
C ILE B 163 19.19 -1.12 9.58
N ARG B 164 18.70 -1.92 8.64
CA ARG B 164 17.51 -2.74 8.86
C ARG B 164 17.80 -3.99 9.70
N HIS B 165 19.08 -4.42 9.73
CA HIS B 165 19.46 -5.64 10.46
C HIS B 165 20.50 -5.36 11.53
N PRO B 166 20.07 -4.74 12.67
CA PRO B 166 21.03 -4.43 13.73
C PRO B 166 21.75 -5.68 14.26
N TYR B 167 23.03 -5.51 14.57
CA TYR B 167 23.86 -6.58 15.13
C TYR B 167 24.31 -7.68 14.22
N GLU B 168 23.91 -7.58 12.97
CA GLU B 168 24.45 -8.48 11.94
C GLU B 168 25.71 -7.91 11.28
N THR B 169 26.03 -6.68 11.59
CA THR B 169 27.40 -6.16 11.34
C THR B 169 28.17 -6.51 12.60
N GLN B 170 29.35 -7.13 12.43
CA GLN B 170 30.12 -7.62 13.48
C GLN B 170 31.62 -7.44 13.17
N SER B 171 32.47 -7.39 14.19
CA SER B 171 33.89 -7.33 13.90
C SER B 171 34.68 -8.27 14.87
N ASP B 172 35.82 -8.75 14.34
CA ASP B 172 36.80 -9.44 15.14
C ASP B 172 38.03 -8.55 15.27
N SER B 173 38.53 -8.38 16.47
CA SER B 173 39.74 -7.58 16.75
C SER B 173 40.81 -8.56 17.27
N PHE B 174 41.80 -8.81 16.44
CA PHE B 174 42.87 -9.78 16.72
C PHE B 174 44.14 -9.04 17.08
N TYR B 175 44.67 -9.26 18.29
CA TYR B 175 45.79 -8.46 18.82
C TYR B 175 46.98 -9.40 18.89
N PHE B 176 48.09 -8.94 18.32
CA PHE B 176 49.33 -9.74 18.16
C PHE B 176 50.50 -9.04 18.83
N VAL B 177 51.37 -9.84 19.45
CA VAL B 177 52.65 -9.35 20.00
C VAL B 177 53.71 -10.31 19.44
N ASP B 178 54.67 -9.75 18.72
CA ASP B 178 55.69 -10.58 18.08
C ASP B 178 55.09 -11.63 17.20
N ASP B 179 54.10 -11.23 16.40
CA ASP B 179 53.46 -12.14 15.42
C ASP B 179 52.62 -13.31 16.00
N ARG B 180 52.32 -13.23 17.28
CA ARG B 180 51.52 -14.25 17.95
C ARG B 180 50.25 -13.64 18.54
N LEU B 181 49.14 -14.30 18.23
CA LEU B 181 47.84 -13.87 18.81
C LEU B 181 47.80 -13.89 20.32
N VAL B 182 47.55 -12.75 20.93
CA VAL B 182 47.50 -12.64 22.40
C VAL B 182 46.16 -12.24 22.99
N MET B 183 45.32 -11.63 22.14
CA MET B 183 43.98 -11.21 22.55
C MET B 183 43.07 -11.23 21.33
N HIS B 184 41.78 -11.49 21.57
CA HIS B 184 40.75 -11.56 20.55
C HIS B 184 39.51 -10.96 21.14
N ASN B 185 39.06 -9.80 20.61
CA ASN B 185 37.82 -9.20 21.12
C ASN B 185 36.81 -9.16 19.99
N LYS B 186 35.52 -9.13 20.35
CA LYS B 186 34.48 -9.20 19.34
C LYS B 186 33.51 -8.06 19.56
N ALA B 187 32.87 -7.59 18.49
CA ALA B 187 31.90 -6.48 18.68
C ALA B 187 30.73 -6.73 17.75
N ASP B 188 29.55 -6.19 18.08
CA ASP B 188 28.52 -6.08 17.02
C ASP B 188 27.91 -4.71 17.08
N TYR B 189 27.21 -4.32 16.02
CA TYR B 189 26.89 -2.88 15.80
C TYR B 189 25.45 -2.78 15.35
N SER B 190 24.77 -1.78 15.89
CA SER B 190 23.48 -1.36 15.41
C SER B 190 23.62 0.04 14.90
N TYR B 191 22.95 0.33 13.78
CA TYR B 191 22.85 1.71 13.21
C TYR B 191 21.42 2.23 13.25
N SER B 192 20.64 1.71 14.19
CA SER B 192 19.21 1.96 14.25
C SER B 192 18.95 3.16 15.04
N GLY B 193 20.02 3.77 15.56
CA GLY B 193 19.90 4.95 16.41
C GLY B 193 19.12 4.60 17.68
N ILE C 15 -4.35 -8.46 -36.21
CA ILE C 15 -4.65 -7.37 -35.16
C ILE C 15 -3.51 -6.36 -34.84
N GLY C 16 -3.66 -5.11 -35.29
CA GLY C 16 -2.70 -4.07 -34.98
C GLY C 16 -3.38 -3.03 -34.08
N PRO C 17 -2.64 -2.00 -33.63
CA PRO C 17 -3.25 -0.94 -32.82
C PRO C 17 -4.49 -0.27 -33.43
N GLU C 18 -4.49 0.05 -34.74
CA GLU C 18 -5.67 0.76 -35.31
C GLU C 18 -6.97 -0.06 -35.26
N ASP C 19 -6.84 -1.36 -35.34
CA ASP C 19 -7.93 -2.28 -35.24
C ASP C 19 -8.59 -2.19 -33.82
N VAL C 20 -7.79 -2.10 -32.76
CA VAL C 20 -8.42 -2.01 -31.40
C VAL C 20 -8.88 -0.57 -31.07
N LEU C 21 -8.25 0.43 -31.68
CA LEU C 21 -8.55 1.83 -31.38
C LEU C 21 -9.93 2.26 -31.85
N GLY C 22 -10.61 1.41 -32.59
CA GLY C 22 -11.96 1.71 -33.06
C GLY C 22 -13.01 0.89 -32.31
N LEU C 23 -12.57 -0.06 -31.45
CA LEU C 23 -13.57 -0.91 -30.76
C LEU C 23 -14.52 -0.07 -29.94
N GLN C 24 -15.83 -0.30 -30.05
CA GLN C 24 -16.77 0.41 -29.20
C GLN C 24 -17.41 -0.46 -28.14
N ARG C 25 -16.97 -1.69 -28.04
CA ARG C 25 -17.30 -2.50 -26.88
C ARG C 25 -16.22 -3.53 -26.51
N ILE C 26 -16.35 -4.10 -25.30
CA ILE C 26 -15.48 -5.13 -24.85
C ILE C 26 -15.50 -6.30 -25.90
N THR C 27 -14.37 -6.98 -26.11
CA THR C 27 -14.38 -8.07 -27.05
C THR C 27 -15.04 -9.31 -26.40
N GLY C 28 -15.68 -10.12 -27.24
CA GLY C 28 -16.37 -11.36 -26.77
C GLY C 28 -15.45 -12.48 -26.40
N ASP C 29 -14.15 -12.37 -26.75
CA ASP C 29 -13.15 -13.41 -26.51
C ASP C 29 -11.77 -12.75 -26.55
N TYR C 30 -10.73 -13.44 -26.09
CA TYR C 30 -9.40 -13.00 -26.18
C TYR C 30 -8.96 -13.01 -27.66
N LEU C 31 -8.21 -12.01 -28.05
CA LEU C 31 -7.92 -11.77 -29.46
C LEU C 31 -6.58 -12.44 -29.87
N CYS C 32 -5.91 -13.10 -28.92
CA CYS C 32 -4.72 -13.86 -29.22
C CYS C 32 -4.64 -14.90 -28.14
N SER C 33 -3.84 -15.93 -28.36
CA SER C 33 -3.67 -17.00 -27.39
C SER C 33 -2.39 -16.72 -26.63
N PRO C 34 -2.17 -17.41 -25.51
CA PRO C 34 -0.92 -17.27 -24.73
C PRO C 34 0.39 -17.53 -25.55
N GLU C 35 0.30 -18.43 -26.53
CA GLU C 35 1.41 -18.78 -27.43
C GLU C 35 1.90 -17.62 -28.32
N GLU C 36 1.06 -16.60 -28.53
CA GLU C 36 1.46 -15.46 -29.33
C GLU C 36 2.40 -14.51 -28.61
N ASN C 37 2.55 -14.75 -27.31
CA ASN C 37 3.52 -13.98 -26.52
C ASN C 37 4.94 -14.53 -26.70
N ILE C 38 5.43 -14.55 -27.93
CA ILE C 38 6.78 -15.05 -28.22
C ILE C 38 7.92 -14.29 -27.53
N TYR C 39 7.66 -13.08 -27.03
CA TYR C 39 8.74 -12.34 -26.41
C TYR C 39 8.90 -12.63 -24.93
N LYS C 40 8.10 -13.57 -24.42
CA LYS C 40 8.07 -13.91 -22.98
C LYS C 40 7.96 -12.69 -22.03
N ILE C 41 7.06 -11.79 -22.37
CA ILE C 41 6.78 -10.65 -21.47
C ILE C 41 5.91 -11.18 -20.35
N ASP C 42 6.32 -10.84 -19.15
CA ASP C 42 5.66 -11.38 -17.97
C ASP C 42 5.59 -10.29 -16.92
N PHE C 43 4.39 -9.84 -16.61
CA PHE C 43 4.23 -8.86 -15.54
C PHE C 43 4.51 -9.51 -14.20
N VAL C 44 5.48 -8.99 -13.46
CA VAL C 44 5.82 -9.57 -12.15
C VAL C 44 5.43 -8.66 -10.98
N ARG C 45 5.08 -7.42 -11.26
CA ARG C 45 4.47 -6.56 -10.24
C ARG C 45 3.57 -5.51 -10.90
N PHE C 46 2.44 -5.25 -10.25
CA PHE C 46 1.54 -4.22 -10.70
C PHE C 46 0.98 -3.50 -9.48
N LYS C 47 1.14 -2.18 -9.46
CA LYS C 47 0.60 -1.35 -8.38
C LYS C 47 -0.15 -0.14 -8.91
N ILE C 48 -1.31 0.19 -8.29
CA ILE C 48 -1.92 1.45 -8.63
C ILE C 48 -2.14 2.27 -7.39
N ARG C 49 -1.90 3.56 -7.48
N ARG C 49 -1.92 3.58 -7.53
CA ARG C 49 -2.13 4.39 -6.33
CA ARG C 49 -1.88 4.53 -6.41
C ARG C 49 -2.79 5.65 -6.77
C ARG C 49 -2.68 5.77 -6.77
N ASP C 50 -3.49 6.25 -5.83
CA ASP C 50 -4.20 7.49 -6.05
C ASP C 50 -3.17 8.63 -5.96
N MET C 51 -3.02 9.43 -7.00
CA MET C 51 -1.99 10.46 -7.02
C MET C 51 -2.29 11.62 -6.07
N ASP C 52 -3.57 11.76 -5.67
CA ASP C 52 -3.87 12.78 -4.67
C ASP C 52 -3.79 12.37 -3.18
N SER C 53 -3.64 11.09 -2.84
CA SER C 53 -3.58 10.72 -1.43
C SER C 53 -2.41 9.80 -1.18
N GLY C 54 -1.79 9.27 -2.23
CA GLY C 54 -0.79 8.24 -2.03
C GLY C 54 -1.31 6.91 -1.63
N THR C 55 -2.62 6.74 -1.51
CA THR C 55 -3.14 5.45 -1.06
C THR C 55 -2.90 4.41 -2.18
N VAL C 56 -2.37 3.23 -1.86
CA VAL C 56 -2.26 2.13 -2.82
C VAL C 56 -3.62 1.46 -2.91
N LEU C 57 -4.15 1.47 -4.12
CA LEU C 57 -5.55 1.12 -4.38
C LEU C 57 -5.53 -0.35 -4.73
N PHE C 58 -4.37 -0.88 -5.19
CA PHE C 58 -4.15 -2.30 -5.46
C PHE C 58 -2.68 -2.54 -5.72
N GLU C 59 -2.14 -3.66 -5.22
CA GLU C 59 -0.79 -4.07 -5.56
C GLU C 59 -0.70 -5.60 -5.54
N ILE C 60 -0.08 -6.17 -6.56
CA ILE C 60 0.23 -7.57 -6.60
C ILE C 60 1.71 -7.76 -7.01
N LYS C 61 2.35 -8.82 -6.52
CA LYS C 61 3.76 -9.10 -6.72
C LYS C 61 3.77 -10.58 -6.94
N LYS C 62 4.36 -10.99 -8.05
CA LYS C 62 4.29 -12.38 -8.51
C LYS C 62 5.68 -12.97 -8.47
N PRO C 63 5.94 -13.87 -7.49
CA PRO C 63 7.31 -14.46 -7.38
C PRO C 63 7.43 -15.73 -8.24
N PRO C 78 -7.96 -21.43 -17.49
CA PRO C 78 -8.34 -20.94 -18.81
C PRO C 78 -8.38 -19.38 -18.83
N ASN C 79 -8.81 -18.78 -17.71
CA ASN C 79 -8.71 -17.31 -17.43
C ASN C 79 -7.49 -17.02 -16.54
N ALA C 80 -6.88 -18.12 -16.08
CA ALA C 80 -5.70 -18.05 -15.23
C ALA C 80 -4.62 -17.17 -15.92
N GLY C 81 -4.26 -16.09 -15.24
CA GLY C 81 -3.20 -15.18 -15.64
C GLY C 81 -3.59 -14.18 -16.72
N ARG C 82 -4.81 -14.26 -17.25
CA ARG C 82 -5.24 -13.25 -18.22
C ARG C 82 -6.44 -12.43 -17.77
N PHE C 83 -7.14 -12.86 -16.70
CA PHE C 83 -8.34 -12.15 -16.29
C PHE C 83 -8.19 -11.65 -14.86
N VAL C 84 -8.62 -10.45 -14.58
CA VAL C 84 -8.47 -9.99 -13.16
C VAL C 84 -9.76 -9.27 -12.75
N ARG C 85 -10.21 -9.52 -11.52
CA ARG C 85 -11.37 -8.82 -11.05
C ARG C 85 -10.95 -7.93 -9.89
N TYR C 86 -11.36 -6.68 -9.97
CA TYR C 86 -11.01 -5.69 -8.96
C TYR C 86 -12.24 -5.33 -8.12
N GLN C 87 -11.95 -5.08 -6.86
CA GLN C 87 -13.00 -4.60 -5.90
C GLN C 87 -12.58 -3.23 -5.37
N PHE C 88 -13.07 -2.12 -5.90
CA PHE C 88 -12.69 -0.85 -5.42
C PHE C 88 -13.88 -0.22 -4.66
N THR C 89 -13.68 0.97 -4.12
CA THR C 89 -14.70 1.70 -3.37
C THR C 89 -15.37 2.72 -4.31
N PRO C 90 -16.54 3.20 -3.96
CA PRO C 90 -17.25 4.23 -4.74
C PRO C 90 -16.39 5.48 -4.87
N ALA C 91 -15.51 5.75 -3.90
CA ALA C 91 -14.63 6.96 -3.98
C ALA C 91 -13.69 6.81 -5.22
N PHE C 92 -13.35 5.58 -5.59
CA PHE C 92 -12.45 5.33 -6.73
C PHE C 92 -12.97 6.10 -7.96
N LEU C 93 -14.29 6.16 -8.14
CA LEU C 93 -14.89 6.81 -9.30
C LEU C 93 -14.81 8.33 -9.27
N ARG C 94 -14.42 8.93 -8.16
CA ARG C 94 -14.26 10.38 -8.08
C ARG C 94 -12.80 10.78 -8.16
N LEU C 95 -11.89 9.81 -8.39
CA LEU C 95 -10.47 10.16 -8.40
C LEU C 95 -10.13 10.95 -9.65
N ARG C 96 -9.02 11.68 -9.58
CA ARG C 96 -8.54 12.50 -10.71
C ARG C 96 -7.51 11.74 -11.49
N GLN C 97 -6.57 11.15 -10.78
CA GLN C 97 -5.43 10.55 -11.44
C GLN C 97 -4.91 9.37 -10.64
N VAL C 98 -4.57 8.31 -11.33
CA VAL C 98 -4.05 7.13 -10.71
C VAL C 98 -2.72 6.82 -11.36
N GLY C 99 -1.71 6.53 -10.53
CA GLY C 99 -0.39 6.13 -11.05
C GLY C 99 -0.21 4.62 -10.99
N ALA C 100 0.15 4.03 -12.13
CA ALA C 100 0.39 2.62 -12.24
C ALA C 100 1.87 2.39 -12.33
N THR C 101 2.35 1.42 -11.56
CA THR C 101 3.71 0.98 -11.65
C THR C 101 3.64 -0.45 -12.07
N VAL C 102 4.33 -0.77 -13.17
N VAL C 102 4.35 -0.80 -13.14
CA VAL C 102 4.47 -2.11 -13.67
CA VAL C 102 4.36 -2.15 -13.69
C VAL C 102 5.94 -2.54 -13.62
C VAL C 102 5.81 -2.65 -13.90
N GLU C 103 6.14 -3.80 -13.31
CA GLU C 103 7.46 -4.48 -13.48
C GLU C 103 7.22 -5.70 -14.31
N PHE C 104 8.10 -5.92 -15.28
CA PHE C 104 7.95 -7.01 -16.14
C PHE C 104 9.32 -7.51 -16.64
N THR C 105 9.36 -8.80 -16.99
CA THR C 105 10.58 -9.36 -17.55
C THR C 105 10.27 -9.66 -19.00
N VAL C 106 11.34 -9.78 -19.77
CA VAL C 106 11.25 -10.00 -21.21
C VAL C 106 12.23 -11.17 -21.48
N GLY C 107 11.92 -12.02 -22.46
CA GLY C 107 12.81 -13.14 -22.82
C GLY C 107 14.07 -12.63 -23.54
N ASP C 108 14.62 -13.44 -24.47
CA ASP C 108 15.86 -13.03 -25.18
C ASP C 108 15.72 -12.52 -26.63
N LYS C 109 14.56 -12.72 -27.27
CA LYS C 109 14.31 -12.06 -28.59
C LYS C 109 14.05 -10.58 -28.39
N PRO C 110 14.65 -9.71 -29.23
CA PRO C 110 14.41 -8.25 -29.05
C PRO C 110 12.94 -7.82 -29.10
N VAL C 111 12.62 -6.79 -28.30
CA VAL C 111 11.25 -6.29 -28.13
C VAL C 111 11.25 -4.83 -28.50
N ASN C 112 10.76 -4.49 -29.68
CA ASN C 112 10.79 -3.12 -30.16
C ASN C 112 9.38 -2.55 -30.10
N ASN C 113 9.24 -1.33 -29.57
CA ASN C 113 7.97 -0.68 -29.58
C ASN C 113 6.89 -1.46 -28.79
N PHE C 114 7.24 -1.79 -27.56
CA PHE C 114 6.24 -2.35 -26.61
C PHE C 114 5.21 -1.25 -26.22
N ARG C 115 3.95 -1.54 -26.47
CA ARG C 115 2.86 -0.54 -26.32
C ARG C 115 1.56 -1.23 -25.80
N MET C 116 0.77 -0.51 -25.02
CA MET C 116 -0.52 -1.05 -24.55
C MET C 116 -1.60 -0.03 -24.87
N ILE C 117 -2.72 -0.53 -25.37
CA ILE C 117 -3.90 0.24 -25.49
C ILE C 117 -4.90 -0.49 -24.61
N GLU C 118 -5.47 0.28 -23.70
CA GLU C 118 -6.38 -0.28 -22.68
C GLU C 118 -7.66 0.52 -22.67
N ARG C 119 -8.76 -0.18 -22.87
CA ARG C 119 -10.06 0.44 -23.13
C ARG C 119 -11.01 0.03 -22.04
N HIS C 120 -11.60 1.02 -21.40
CA HIS C 120 -12.46 0.80 -20.27
C HIS C 120 -13.88 1.14 -20.72
N TYR C 121 -14.84 0.26 -20.48
CA TYR C 121 -16.25 0.48 -20.87
C TYR C 121 -17.19 0.21 -19.68
N PHE C 122 -18.28 0.96 -19.60
CA PHE C 122 -19.41 0.55 -18.76
C PHE C 122 -20.57 0.14 -19.70
N ARG C 123 -20.91 -1.11 -19.65
CA ARG C 123 -21.90 -1.75 -20.52
C ARG C 123 -21.65 -1.36 -21.95
N ASN C 124 -20.41 -1.43 -22.39
CA ASN C 124 -20.16 -1.07 -23.80
C ASN C 124 -20.43 0.42 -24.22
N GLN C 125 -20.30 1.30 -23.24
CA GLN C 125 -20.07 2.69 -23.53
C GLN C 125 -18.60 2.89 -23.11
N LEU C 126 -17.77 3.25 -24.09
CA LEU C 126 -16.37 3.60 -23.83
C LEU C 126 -16.22 4.72 -22.79
N LEU C 127 -15.50 4.43 -21.71
CA LEU C 127 -15.25 5.45 -20.68
C LEU C 127 -14.02 6.18 -21.09
N LYS C 128 -12.95 5.44 -21.37
CA LYS C 128 -11.71 6.07 -21.87
C LYS C 128 -10.82 4.99 -22.42
N SER C 129 -9.99 5.38 -23.39
CA SER C 129 -9.00 4.51 -23.92
C SER C 129 -7.62 5.11 -23.52
N PHE C 130 -6.72 4.28 -23.00
CA PHE C 130 -5.42 4.73 -22.61
C PHE C 130 -4.37 4.07 -23.53
N ASP C 131 -3.34 4.82 -23.88
CA ASP C 131 -2.35 4.35 -24.84
C ASP C 131 -0.99 4.63 -24.23
N PHE C 132 -0.31 3.60 -23.74
CA PHE C 132 0.99 3.84 -23.10
C PHE C 132 2.10 3.15 -23.85
N HIS C 133 3.30 3.74 -23.84
CA HIS C 133 4.50 3.11 -24.36
C HIS C 133 5.41 2.69 -23.22
N PHE C 134 6.04 1.53 -23.38
CA PHE C 134 6.89 0.99 -22.35
C PHE C 134 8.38 1.35 -22.52
N GLY C 135 8.72 2.06 -23.62
CA GLY C 135 10.10 2.43 -23.98
C GLY C 135 11.02 1.22 -24.11
N PHE C 136 12.31 1.41 -23.87
CA PHE C 136 13.29 0.39 -24.19
C PHE C 136 13.21 -0.75 -23.19
N CYS C 137 13.09 -1.97 -23.68
CA CYS C 137 13.02 -3.12 -22.80
C CYS C 137 14.37 -3.81 -22.79
N ILE C 138 14.99 -3.79 -21.61
CA ILE C 138 16.21 -4.58 -21.37
C ILE C 138 15.90 -6.08 -21.48
N PRO C 139 16.38 -6.72 -22.59
CA PRO C 139 16.18 -8.16 -22.88
C PRO C 139 16.72 -9.06 -21.77
N SER C 140 16.16 -10.27 -21.65
CA SER C 140 16.46 -11.15 -20.49
C SER C 140 16.52 -10.47 -19.11
N SER C 141 15.71 -9.44 -18.88
CA SER C 141 15.78 -8.73 -17.56
C SER C 141 14.45 -8.10 -17.15
N LYS C 142 14.47 -7.51 -15.98
CA LYS C 142 13.32 -6.90 -15.32
C LYS C 142 13.31 -5.41 -15.59
N ASN C 143 12.17 -4.92 -16.08
CA ASN C 143 12.00 -3.54 -16.43
C ASN C 143 10.85 -2.98 -15.56
N THR C 144 10.90 -1.69 -15.23
CA THR C 144 9.82 -1.03 -14.55
C THR C 144 9.39 0.23 -15.32
N CYS C 145 8.08 0.43 -15.49
CA CYS C 145 7.50 1.64 -16.03
C CYS C 145 6.40 2.20 -15.09
N GLU C 146 6.24 3.50 -15.17
CA GLU C 146 5.25 4.24 -14.45
C GLU C 146 4.39 4.93 -15.50
N HIS C 147 3.11 4.62 -15.49
CA HIS C 147 2.10 5.29 -16.34
C HIS C 147 0.98 5.94 -15.55
N ILE C 148 0.38 6.96 -16.13
CA ILE C 148 -0.48 7.82 -15.40
C ILE C 148 -1.87 7.68 -16.03
N TYR C 149 -2.87 7.34 -15.25
CA TYR C 149 -4.23 7.28 -15.81
C TYR C 149 -4.95 8.54 -15.40
N ASP C 150 -5.23 9.45 -16.34
CA ASP C 150 -6.11 10.56 -16.02
C ASP C 150 -7.54 10.17 -16.27
N PHE C 151 -8.35 10.27 -15.25
CA PHE C 151 -9.69 9.78 -15.34
C PHE C 151 -10.52 10.67 -16.27
N PRO C 152 -11.44 10.06 -17.02
CA PRO C 152 -12.36 10.84 -17.83
C PRO C 152 -13.37 11.52 -16.94
N PRO C 153 -13.97 12.63 -17.40
CA PRO C 153 -15.12 13.10 -16.65
C PRO C 153 -16.20 11.99 -16.59
N LEU C 154 -16.83 11.81 -15.44
CA LEU C 154 -17.94 10.82 -15.36
C LEU C 154 -19.18 11.55 -14.81
N SER C 155 -20.31 11.36 -15.47
CA SER C 155 -21.55 12.08 -15.05
C SER C 155 -22.10 11.45 -13.77
N GLU C 156 -22.94 12.19 -13.03
CA GLU C 156 -23.49 11.64 -11.81
C GLU C 156 -24.29 10.37 -12.05
N GLU C 157 -25.04 10.36 -13.16
CA GLU C 157 -25.88 9.20 -13.50
C GLU C 157 -25.00 7.97 -13.79
N LEU C 158 -23.89 8.19 -14.52
CA LEU C 158 -23.03 7.04 -14.86
C LEU C 158 -22.38 6.51 -13.54
N ILE C 159 -21.87 7.42 -12.68
CA ILE C 159 -21.22 6.93 -11.47
C ILE C 159 -22.19 6.04 -10.62
N SER C 160 -23.42 6.54 -10.47
CA SER C 160 -24.45 5.81 -9.75
C SER C 160 -24.68 4.43 -10.32
N GLU C 161 -24.71 4.33 -11.64
CA GLU C 161 -24.93 3.03 -12.31
C GLU C 161 -23.79 2.10 -12.18
N MET C 162 -22.56 2.66 -12.25
CA MET C 162 -21.38 1.81 -12.14
C MET C 162 -21.32 1.26 -10.73
N ILE C 163 -21.70 2.06 -9.77
CA ILE C 163 -21.78 1.59 -8.38
C ILE C 163 -22.87 0.50 -8.18
N ARG C 164 -24.04 0.69 -8.78
CA ARG C 164 -25.08 -0.29 -8.54
C ARG C 164 -24.95 -1.54 -9.38
N HIS C 165 -24.09 -1.52 -10.43
CA HIS C 165 -23.96 -2.70 -11.30
C HIS C 165 -22.48 -3.19 -11.37
N PRO C 166 -21.98 -3.82 -10.28
CA PRO C 166 -20.61 -4.32 -10.22
C PRO C 166 -20.33 -5.28 -11.36
N TYR C 167 -19.11 -5.15 -11.88
CA TYR C 167 -18.53 -6.03 -12.93
C TYR C 167 -19.08 -5.84 -14.32
N GLU C 168 -20.01 -4.93 -14.45
CA GLU C 168 -20.43 -4.51 -15.74
C GLU C 168 -19.52 -3.41 -16.29
N THR C 169 -18.64 -2.87 -15.43
CA THR C 169 -17.53 -2.06 -15.94
C THR C 169 -16.39 -3.04 -16.22
N GLN C 170 -15.73 -2.90 -17.39
CA GLN C 170 -14.84 -3.93 -17.87
C GLN C 170 -13.76 -3.26 -18.69
N SER C 171 -12.58 -3.88 -18.74
CA SER C 171 -11.54 -3.30 -19.64
C SER C 171 -10.86 -4.35 -20.48
N ASP C 172 -10.34 -3.95 -21.63
CA ASP C 172 -9.53 -4.84 -22.50
C ASP C 172 -8.17 -4.20 -22.53
N SER C 173 -7.09 -4.95 -22.28
CA SER C 173 -5.72 -4.41 -22.29
C SER C 173 -5.03 -5.15 -23.46
N PHE C 174 -4.70 -4.41 -24.51
CA PHE C 174 -4.08 -4.98 -25.74
C PHE C 174 -2.60 -4.59 -25.78
N TYR C 175 -1.71 -5.57 -25.75
CA TYR C 175 -0.28 -5.30 -25.71
C TYR C 175 0.32 -5.67 -27.11
N PHE C 176 1.05 -4.72 -27.63
CA PHE C 176 1.63 -4.80 -28.99
C PHE C 176 3.12 -4.70 -28.93
N VAL C 177 3.81 -5.42 -29.83
CA VAL C 177 5.25 -5.31 -29.98
C VAL C 177 5.42 -5.23 -31.49
N ASP C 178 6.01 -4.16 -31.99
CA ASP C 178 6.11 -3.99 -33.50
C ASP C 178 4.75 -3.98 -34.18
N ASP C 179 3.83 -3.25 -33.56
CA ASP C 179 2.48 -3.15 -34.03
C ASP C 179 1.81 -4.48 -34.22
N ARG C 180 2.32 -5.56 -33.62
CA ARG C 180 1.54 -6.79 -33.59
C ARG C 180 1.04 -7.19 -32.19
N LEU C 181 -0.20 -7.66 -32.13
CA LEU C 181 -0.79 -8.08 -30.85
C LEU C 181 -0.07 -9.30 -30.25
N VAL C 182 0.50 -9.14 -29.06
CA VAL C 182 1.21 -10.23 -28.41
C VAL C 182 0.56 -10.75 -27.12
N MET C 183 -0.23 -9.87 -26.47
CA MET C 183 -0.94 -10.24 -25.22
C MET C 183 -2.28 -9.51 -25.14
N HIS C 184 -3.27 -10.13 -24.49
CA HIS C 184 -4.56 -9.52 -24.31
C HIS C 184 -5.04 -9.94 -22.93
N ASN C 185 -5.03 -9.01 -21.94
CA ASN C 185 -5.65 -9.24 -20.64
C ASN C 185 -7.02 -8.57 -20.53
N LYS C 186 -7.89 -9.16 -19.68
CA LYS C 186 -9.24 -8.70 -19.45
C LYS C 186 -9.44 -8.38 -17.96
N ALA C 187 -10.20 -7.35 -17.67
CA ALA C 187 -10.48 -7.03 -16.28
C ALA C 187 -11.95 -6.70 -16.05
N ASP C 188 -12.48 -6.89 -14.83
CA ASP C 188 -13.76 -6.24 -14.55
C ASP C 188 -13.72 -5.63 -13.14
N TYR C 189 -14.69 -4.81 -12.80
CA TYR C 189 -14.53 -3.91 -11.69
C TYR C 189 -15.82 -3.81 -10.96
N SER C 190 -15.69 -3.86 -9.64
CA SER C 190 -16.78 -3.46 -8.71
C SER C 190 -16.36 -2.17 -7.98
N TYR C 191 -17.32 -1.26 -7.80
CA TYR C 191 -17.16 -0.09 -6.99
C TYR C 191 -18.04 -0.13 -5.74
N SER C 192 -18.34 -1.34 -5.27
CA SER C 192 -19.27 -1.52 -4.14
C SER C 192 -18.55 -1.63 -2.78
N GLY C 193 -17.23 -1.38 -2.76
CA GLY C 193 -16.38 -1.52 -1.57
C GLY C 193 -16.51 -2.93 -0.98
N ILE D 15 -37.26 14.47 30.19
CA ILE D 15 -37.36 14.31 28.70
C ILE D 15 -38.36 13.22 28.41
N GLY D 16 -39.40 13.55 27.64
CA GLY D 16 -40.37 12.51 27.26
C GLY D 16 -40.38 12.33 25.74
N PRO D 17 -41.11 11.35 25.22
CA PRO D 17 -41.15 11.12 23.78
C PRO D 17 -41.56 12.33 22.95
N GLU D 18 -42.53 13.15 23.43
CA GLU D 18 -42.88 14.36 22.76
C GLU D 18 -41.69 15.33 22.60
N ASP D 19 -40.70 15.27 23.47
CA ASP D 19 -39.57 16.21 23.35
C ASP D 19 -38.60 15.80 22.20
N VAL D 20 -38.73 14.58 21.67
CA VAL D 20 -37.77 14.09 20.60
C VAL D 20 -38.50 13.80 19.26
N LEU D 21 -39.84 13.59 19.31
CA LEU D 21 -40.62 13.12 18.13
C LEU D 21 -40.73 14.16 17.03
N GLY D 22 -40.43 15.39 17.38
CA GLY D 22 -40.35 16.42 16.39
C GLY D 22 -38.96 16.99 16.09
N LEU D 23 -37.89 16.36 16.58
CA LEU D 23 -36.55 16.89 16.30
C LEU D 23 -36.20 16.92 14.85
N GLN D 24 -35.57 18.00 14.43
CA GLN D 24 -35.26 18.16 13.02
C GLN D 24 -33.75 18.15 12.76
N ARG D 25 -32.96 17.95 13.81
CA ARG D 25 -31.49 17.81 13.66
C ARG D 25 -31.00 16.84 14.70
N ILE D 26 -29.82 16.30 14.45
CA ILE D 26 -29.14 15.44 15.42
C ILE D 26 -28.91 16.36 16.68
N THR D 27 -28.95 15.82 17.89
CA THR D 27 -28.74 16.66 19.09
C THR D 27 -27.27 16.99 19.26
N GLY D 28 -27.00 18.12 19.94
CA GLY D 28 -25.60 18.63 20.12
C GLY D 28 -24.82 17.91 21.26
N ASP D 29 -25.55 17.18 22.11
CA ASP D 29 -24.99 16.44 23.22
C ASP D 29 -25.95 15.26 23.50
N TYR D 30 -25.53 14.33 24.33
CA TYR D 30 -26.39 13.31 24.86
C TYR D 30 -27.40 14.01 25.77
N LEU D 31 -28.64 13.53 25.74
CA LEU D 31 -29.71 14.20 26.49
C LEU D 31 -29.89 13.60 27.88
N CYS D 32 -29.12 12.56 28.20
CA CYS D 32 -29.07 12.01 29.56
C CYS D 32 -27.68 11.48 29.83
N SER D 33 -27.35 11.33 31.12
CA SER D 33 -26.09 10.68 31.55
C SER D 33 -26.28 9.18 31.64
N PRO D 34 -25.18 8.37 31.59
CA PRO D 34 -25.20 6.92 31.87
C PRO D 34 -25.92 6.52 33.17
N GLU D 35 -25.76 7.33 34.22
CA GLU D 35 -26.45 7.09 35.47
C GLU D 35 -27.97 7.18 35.41
N GLU D 36 -28.54 7.78 34.38
CA GLU D 36 -30.01 7.79 34.27
C GLU D 36 -30.60 6.41 33.86
N ASN D 37 -29.72 5.51 33.49
CA ASN D 37 -30.07 4.13 33.19
C ASN D 37 -30.31 3.34 34.49
N ILE D 38 -31.27 3.80 35.28
CA ILE D 38 -31.52 3.19 36.61
C ILE D 38 -31.98 1.74 36.49
N TYR D 39 -32.37 1.33 35.27
CA TYR D 39 -32.90 0.02 35.06
C TYR D 39 -31.86 -0.96 34.67
N LYS D 40 -30.65 -0.46 34.43
CA LYS D 40 -29.54 -1.32 34.10
C LYS D 40 -29.84 -2.10 32.85
N ILE D 41 -30.34 -1.39 31.85
CA ILE D 41 -30.57 -2.02 30.59
C ILE D 41 -29.24 -2.05 29.83
N ASP D 42 -28.86 -3.24 29.42
CA ASP D 42 -27.58 -3.42 28.74
C ASP D 42 -27.76 -4.28 27.48
N PHE D 43 -27.54 -3.66 26.31
CA PHE D 43 -27.60 -4.41 25.04
C PHE D 43 -26.38 -5.33 24.85
N VAL D 44 -26.61 -6.63 24.72
CA VAL D 44 -25.52 -7.59 24.63
C VAL D 44 -25.44 -8.22 23.26
N ARG D 45 -26.44 -8.05 22.41
CA ARG D 45 -26.34 -8.60 21.05
C ARG D 45 -27.16 -7.69 20.17
N PHE D 46 -26.59 -7.31 19.02
CA PHE D 46 -27.35 -6.53 18.03
C PHE D 46 -26.97 -7.09 16.68
N LYS D 47 -27.97 -7.52 15.92
CA LYS D 47 -27.72 -8.08 14.62
C LYS D 47 -28.69 -7.44 13.63
N ILE D 48 -28.21 -6.96 12.49
CA ILE D 48 -29.11 -6.57 11.43
C ILE D 48 -28.97 -7.41 10.13
N ARG D 49 -30.10 -7.76 9.56
N ARG D 49 -30.12 -7.67 9.52
CA ARG D 49 -30.06 -8.52 8.34
CA ARG D 49 -30.25 -8.61 8.44
C ARG D 49 -30.97 -7.90 7.33
C ARG D 49 -31.14 -8.09 7.34
N ASP D 50 -30.69 -8.22 6.08
CA ASP D 50 -31.46 -7.75 4.95
C ASP D 50 -32.58 -8.76 4.72
N MET D 51 -33.82 -8.29 4.79
CA MET D 51 -34.94 -9.23 4.77
C MET D 51 -35.21 -9.75 3.34
N ASP D 52 -34.61 -9.13 2.35
CA ASP D 52 -34.72 -9.69 1.00
C ASP D 52 -33.58 -10.63 0.61
N SER D 53 -32.56 -10.83 1.47
CA SER D 53 -31.51 -11.78 1.09
C SER D 53 -31.06 -12.69 2.22
N GLY D 54 -31.41 -12.35 3.47
CA GLY D 54 -30.86 -13.09 4.61
C GLY D 54 -29.41 -12.73 4.92
N THR D 55 -28.82 -11.82 4.18
CA THR D 55 -27.45 -11.43 4.45
C THR D 55 -27.39 -10.69 5.81
N VAL D 56 -26.43 -11.06 6.67
CA VAL D 56 -26.15 -10.39 7.91
C VAL D 56 -25.29 -9.21 7.56
N LEU D 57 -25.86 -8.02 7.79
CA LEU D 57 -25.25 -6.77 7.41
C LEU D 57 -24.32 -6.27 8.53
N PHE D 58 -24.57 -6.71 9.76
CA PHE D 58 -23.75 -6.33 10.91
C PHE D 58 -24.19 -7.24 12.06
N GLU D 59 -23.24 -7.60 12.91
CA GLU D 59 -23.55 -8.34 14.10
C GLU D 59 -22.44 -8.10 15.10
N ILE D 60 -22.83 -7.88 16.35
CA ILE D 60 -21.90 -7.69 17.42
C ILE D 60 -22.52 -8.38 18.66
N LYS D 61 -21.67 -9.12 19.40
CA LYS D 61 -21.98 -9.82 20.65
C LYS D 61 -21.10 -9.29 21.77
N LYS D 62 -21.70 -8.89 22.88
CA LYS D 62 -20.97 -8.53 24.09
C LYS D 62 -20.81 -9.81 24.92
N PRO D 63 -19.55 -10.29 25.11
CA PRO D 63 -19.30 -11.55 25.84
C PRO D 63 -18.77 -11.40 27.27
N PRO D 78 -16.03 9.03 27.18
CA PRO D 78 -17.42 9.51 27.36
C PRO D 78 -18.43 9.04 26.28
N ASN D 79 -17.93 8.67 25.11
CA ASN D 79 -18.68 7.95 24.05
C ASN D 79 -18.69 6.44 24.23
N ALA D 80 -17.83 5.94 25.14
CA ALA D 80 -17.67 4.49 25.22
C ALA D 80 -19.03 3.91 25.65
N GLY D 81 -19.48 2.91 24.91
CA GLY D 81 -20.79 2.34 25.15
C GLY D 81 -21.98 3.13 24.58
N ARG D 82 -21.76 4.35 24.09
CA ARG D 82 -22.91 5.15 23.65
C ARG D 82 -22.84 5.53 22.19
N PHE D 83 -21.67 5.37 21.57
CA PHE D 83 -21.48 5.86 20.18
C PHE D 83 -21.02 4.71 19.36
N VAL D 84 -21.60 4.57 18.17
CA VAL D 84 -21.12 3.49 17.33
C VAL D 84 -20.99 4.07 15.89
N ARG D 85 -20.00 3.56 15.16
CA ARG D 85 -19.78 3.93 13.77
C ARG D 85 -19.96 2.76 12.92
N TYR D 86 -20.82 2.89 11.90
CA TYR D 86 -21.06 1.76 11.04
C TYR D 86 -20.43 2.00 9.69
N GLN D 87 -19.98 0.92 9.08
CA GLN D 87 -19.42 0.94 7.73
C GLN D 87 -20.20 -0.02 6.85
N PHE D 88 -21.13 0.53 6.07
CA PHE D 88 -21.96 -0.30 5.25
C PHE D 88 -21.53 -0.11 3.79
N THR D 89 -22.19 -0.79 2.90
CA THR D 89 -21.81 -0.67 1.47
C THR D 89 -22.84 0.26 0.85
N PRO D 90 -22.60 0.71 -0.38
CA PRO D 90 -23.54 1.55 -1.08
C PRO D 90 -24.84 0.83 -1.34
N ALA D 91 -24.80 -0.50 -1.45
CA ALA D 91 -26.06 -1.29 -1.66
C ALA D 91 -27.05 -1.16 -0.52
N PHE D 92 -26.52 -0.86 0.67
CA PHE D 92 -27.32 -0.78 1.89
C PHE D 92 -28.41 0.24 1.65
N LEU D 93 -28.06 1.38 1.04
CA LEU D 93 -29.00 2.46 0.82
C LEU D 93 -30.16 2.12 -0.15
N ARG D 94 -30.05 1.07 -0.93
CA ARG D 94 -31.14 0.59 -1.79
C ARG D 94 -31.98 -0.56 -1.25
N LEU D 95 -31.77 -0.91 0.03
CA LEU D 95 -32.51 -1.98 0.66
C LEU D 95 -33.93 -1.53 0.94
N ARG D 96 -34.82 -2.49 1.07
CA ARG D 96 -36.24 -2.19 1.30
C ARG D 96 -36.50 -2.33 2.81
N GLN D 97 -35.94 -3.35 3.45
CA GLN D 97 -36.36 -3.65 4.83
C GLN D 97 -35.25 -4.41 5.52
N VAL D 98 -34.86 -3.97 6.70
CA VAL D 98 -33.83 -4.71 7.49
C VAL D 98 -34.42 -5.08 8.81
N GLY D 99 -34.05 -6.28 9.30
CA GLY D 99 -34.60 -6.82 10.52
C GLY D 99 -33.49 -6.76 11.53
N ALA D 100 -33.75 -6.10 12.64
CA ALA D 100 -32.73 -5.98 13.69
C ALA D 100 -33.11 -6.89 14.84
N THR D 101 -32.19 -7.71 15.31
CA THR D 101 -32.43 -8.58 16.47
C THR D 101 -31.58 -7.96 17.55
N VAL D 102 -32.20 -7.66 18.68
N VAL D 102 -32.18 -7.76 18.72
CA VAL D 102 -31.44 -7.15 19.81
CA VAL D 102 -31.59 -7.00 19.84
C VAL D 102 -31.70 -8.06 20.98
C VAL D 102 -31.75 -7.79 21.15
N GLU D 103 -30.66 -8.26 21.75
CA GLU D 103 -30.75 -8.96 23.06
C GLU D 103 -30.24 -8.02 24.10
N PHE D 104 -30.96 -7.92 25.20
CA PHE D 104 -30.53 -7.01 26.23
C PHE D 104 -30.84 -7.61 27.61
N THR D 105 -29.94 -7.40 28.59
CA THR D 105 -30.29 -7.72 29.98
C THR D 105 -30.89 -6.55 30.71
N VAL D 106 -31.59 -6.84 31.79
CA VAL D 106 -32.32 -5.83 32.53
C VAL D 106 -32.00 -6.09 34.00
N GLY D 107 -31.94 -5.06 34.86
CA GLY D 107 -31.64 -5.33 36.26
C GLY D 107 -32.90 -5.82 37.01
N ASP D 108 -32.89 -5.68 38.35
CA ASP D 108 -33.97 -6.20 39.23
C ASP D 108 -35.24 -5.35 39.30
N LYS D 109 -35.17 -4.08 38.92
CA LYS D 109 -36.34 -3.23 38.90
C LYS D 109 -37.19 -3.57 37.69
N PRO D 110 -38.53 -3.73 37.88
CA PRO D 110 -39.40 -3.94 36.73
C PRO D 110 -39.28 -2.77 35.69
N VAL D 111 -39.41 -3.13 34.42
CA VAL D 111 -39.30 -2.12 33.34
C VAL D 111 -40.61 -2.17 32.58
N ASN D 112 -41.36 -1.10 32.63
CA ASN D 112 -42.64 -1.04 31.96
C ASN D 112 -42.64 -0.04 30.78
N ASN D 113 -43.25 -0.40 29.65
CA ASN D 113 -43.33 0.48 28.45
C ASN D 113 -41.95 0.98 28.01
N PHE D 114 -41.07 0.04 27.76
CA PHE D 114 -39.74 0.28 27.19
C PHE D 114 -39.94 0.52 25.68
N ARG D 115 -39.37 1.59 25.19
CA ARG D 115 -39.67 2.08 23.84
C ARG D 115 -38.42 2.82 23.34
N MET D 116 -38.18 2.74 22.05
CA MET D 116 -37.09 3.42 21.39
C MET D 116 -37.63 4.27 20.23
N ILE D 117 -37.19 5.50 20.21
CA ILE D 117 -37.39 6.38 19.12
C ILE D 117 -36.00 6.71 18.53
N GLU D 118 -35.81 6.29 17.31
CA GLU D 118 -34.50 6.42 16.70
C GLU D 118 -34.64 7.25 15.42
N ARG D 119 -33.88 8.32 15.34
CA ARG D 119 -34.11 9.28 14.28
C ARG D 119 -32.79 9.34 13.48
N HIS D 120 -32.92 9.21 12.16
CA HIS D 120 -31.78 9.19 11.28
C HIS D 120 -31.80 10.43 10.38
N TYR D 121 -30.63 11.10 10.18
CA TYR D 121 -30.57 12.37 9.47
C TYR D 121 -29.40 12.28 8.49
N PHE D 122 -29.52 12.93 7.33
CA PHE D 122 -28.34 13.17 6.51
C PHE D 122 -28.08 14.68 6.51
N ARG D 123 -26.92 15.07 7.02
CA ARG D 123 -26.60 16.49 7.22
C ARG D 123 -27.76 17.23 7.90
N ASN D 124 -28.30 16.69 9.00
CA ASN D 124 -29.53 17.40 9.53
C ASN D 124 -30.79 17.59 8.62
N GLN D 125 -30.97 16.67 7.70
CA GLN D 125 -32.24 16.55 7.00
C GLN D 125 -32.75 15.19 7.51
N LEU D 126 -33.88 15.22 8.21
CA LEU D 126 -34.46 13.97 8.74
C LEU D 126 -34.71 13.04 7.58
N LEU D 127 -34.20 11.80 7.68
CA LEU D 127 -34.58 10.78 6.74
C LEU D 127 -35.80 10.01 7.22
N LYS D 128 -35.70 9.44 8.40
CA LYS D 128 -36.84 8.69 8.94
C LYS D 128 -36.63 8.56 10.45
N SER D 129 -37.75 8.57 11.19
CA SER D 129 -37.80 8.28 12.62
C SER D 129 -38.56 6.95 12.80
N PHE D 130 -37.99 6.06 13.61
CA PHE D 130 -38.62 4.78 13.85
C PHE D 130 -39.00 4.73 15.32
N ASP D 131 -40.20 4.26 15.59
CA ASP D 131 -40.68 4.30 17.00
C ASP D 131 -41.08 2.86 17.34
N PHE D 132 -40.26 2.21 18.12
CA PHE D 132 -40.40 0.82 18.39
C PHE D 132 -40.76 0.64 19.84
N HIS D 133 -41.76 -0.19 20.07
CA HIS D 133 -42.11 -0.62 21.43
C HIS D 133 -41.64 -2.03 21.71
N PHE D 134 -40.80 -2.19 22.74
CA PHE D 134 -40.41 -3.52 23.18
C PHE D 134 -41.62 -4.26 23.75
N GLY D 135 -41.53 -5.56 23.79
CA GLY D 135 -42.61 -6.37 24.41
C GLY D 135 -42.29 -6.39 25.91
N PHE D 136 -42.93 -7.33 26.64
CA PHE D 136 -42.79 -7.36 28.06
C PHE D 136 -41.36 -7.62 28.44
N CYS D 137 -40.83 -6.81 29.34
CA CYS D 137 -39.44 -6.93 29.83
C CYS D 137 -39.33 -7.64 31.19
N ILE D 138 -38.69 -8.79 31.17
CA ILE D 138 -38.50 -9.61 32.36
C ILE D 138 -37.29 -9.13 33.14
N PRO D 139 -37.51 -8.72 34.39
CA PRO D 139 -36.42 -8.29 35.28
C PRO D 139 -35.37 -9.36 35.48
N SER D 140 -34.11 -8.91 35.66
CA SER D 140 -32.97 -9.79 36.00
C SER D 140 -32.74 -10.89 35.01
N SER D 141 -33.02 -10.65 33.75
CA SER D 141 -32.74 -11.69 32.81
C SER D 141 -32.44 -11.07 31.45
N LYS D 142 -32.12 -11.91 30.50
CA LYS D 142 -31.87 -11.48 29.18
C LYS D 142 -33.21 -11.49 28.42
N ASN D 143 -33.39 -10.48 27.59
CA ASN D 143 -34.62 -10.24 26.85
C ASN D 143 -34.23 -10.13 25.39
N THR D 144 -35.20 -10.33 24.48
CA THR D 144 -34.90 -10.31 23.05
C THR D 144 -36.00 -9.52 22.37
N CYS D 145 -35.67 -8.81 21.28
CA CYS D 145 -36.73 -8.13 20.54
C CYS D 145 -36.33 -8.08 19.06
N GLU D 146 -37.31 -8.04 18.17
CA GLU D 146 -37.01 -7.88 16.73
C GLU D 146 -37.57 -6.54 16.24
N HIS D 147 -36.73 -5.60 15.79
CA HIS D 147 -37.17 -4.32 15.23
C HIS D 147 -37.07 -4.43 13.68
N ILE D 148 -38.17 -4.12 12.99
CA ILE D 148 -38.20 -4.13 11.57
C ILE D 148 -38.13 -2.69 11.00
N TYR D 149 -37.08 -2.37 10.25
CA TYR D 149 -36.90 -1.02 9.72
C TYR D 149 -37.31 -1.03 8.24
N ASP D 150 -38.41 -0.35 7.90
CA ASP D 150 -38.76 -0.09 6.48
C ASP D 150 -38.08 1.17 6.04
N PHE D 151 -37.16 1.06 5.09
CA PHE D 151 -36.40 2.22 4.65
C PHE D 151 -37.32 3.25 3.99
N PRO D 152 -37.01 4.54 4.19
CA PRO D 152 -37.77 5.54 3.47
C PRO D 152 -37.30 5.54 2.00
N PRO D 153 -38.12 6.07 1.07
CA PRO D 153 -37.75 6.37 -0.34
C PRO D 153 -36.56 7.32 -0.30
N LEU D 154 -35.49 6.94 -0.97
CA LEU D 154 -34.38 7.90 -1.06
C LEU D 154 -34.17 8.28 -2.52
N SER D 155 -34.12 9.59 -2.82
CA SER D 155 -33.86 10.01 -4.22
C SER D 155 -32.41 9.58 -4.63
N GLU D 156 -32.22 9.46 -5.93
CA GLU D 156 -30.93 9.18 -6.48
C GLU D 156 -29.88 10.21 -6.01
N GLU D 157 -30.29 11.45 -5.93
CA GLU D 157 -29.37 12.53 -5.54
C GLU D 157 -28.89 12.37 -4.10
N LEU D 158 -29.83 12.03 -3.23
CA LEU D 158 -29.51 11.78 -1.86
C LEU D 158 -28.60 10.53 -1.66
N ILE D 159 -28.95 9.41 -2.28
CA ILE D 159 -28.12 8.26 -2.24
C ILE D 159 -26.66 8.60 -2.68
N SER D 160 -26.53 9.31 -3.76
CA SER D 160 -25.19 9.70 -4.24
C SER D 160 -24.41 10.54 -3.19
N GLU D 161 -25.11 11.46 -2.53
CA GLU D 161 -24.47 12.32 -1.52
C GLU D 161 -24.11 11.56 -0.28
N MET D 162 -24.95 10.63 0.12
CA MET D 162 -24.71 9.85 1.34
C MET D 162 -23.50 8.94 1.13
N ILE D 163 -23.34 8.45 -0.11
CA ILE D 163 -22.15 7.67 -0.47
C ILE D 163 -20.85 8.48 -0.42
N ARG D 164 -20.89 9.71 -0.95
CA ARG D 164 -19.70 10.55 -1.09
C ARG D 164 -19.35 11.21 0.21
N HIS D 165 -20.29 11.24 1.16
CA HIS D 165 -20.05 11.97 2.44
C HIS D 165 -20.20 11.07 3.64
N PRO D 166 -19.21 10.20 3.85
CA PRO D 166 -19.31 9.28 5.00
C PRO D 166 -19.37 10.02 6.30
N TYR D 167 -20.21 9.48 7.19
CA TYR D 167 -20.34 9.91 8.59
C TYR D 167 -21.13 11.18 8.73
N GLU D 168 -21.58 11.75 7.58
CA GLU D 168 -22.57 12.81 7.62
C GLU D 168 -24.03 12.32 7.80
N THR D 169 -24.23 11.01 7.62
CA THR D 169 -25.50 10.38 7.99
C THR D 169 -25.30 9.99 9.48
N GLN D 170 -26.21 10.43 10.35
CA GLN D 170 -26.06 10.14 11.77
C GLN D 170 -27.42 9.79 12.38
N SER D 171 -27.44 9.11 13.49
CA SER D 171 -28.72 8.89 14.18
C SER D 171 -28.63 9.12 15.68
N ASP D 172 -29.79 9.40 16.29
CA ASP D 172 -29.96 9.47 17.72
C ASP D 172 -30.92 8.33 18.05
N SER D 173 -30.59 7.51 19.04
CA SER D 173 -31.45 6.47 19.56
C SER D 173 -31.83 6.88 21.04
N PHE D 174 -33.13 7.21 21.23
CA PHE D 174 -33.63 7.63 22.51
C PHE D 174 -34.48 6.52 23.06
N TYR D 175 -34.15 6.05 24.28
CA TYR D 175 -34.80 4.89 24.90
C TYR D 175 -35.53 5.41 26.14
N PHE D 176 -36.80 5.05 26.24
CA PHE D 176 -37.71 5.52 27.32
C PHE D 176 -38.24 4.34 28.06
N VAL D 177 -38.46 4.53 29.38
CA VAL D 177 -39.11 3.58 30.24
C VAL D 177 -40.20 4.40 30.90
N ASP D 178 -41.46 3.96 30.77
CA ASP D 178 -42.60 4.72 31.33
C ASP D 178 -42.59 6.18 30.91
N ASP D 179 -42.35 6.39 29.62
CA ASP D 179 -42.28 7.74 29.05
C ASP D 179 -41.19 8.66 29.61
N ARG D 180 -40.16 8.11 30.27
CA ARG D 180 -39.03 8.95 30.65
C ARG D 180 -37.73 8.49 29.97
N LEU D 181 -36.92 9.46 29.55
CA LEU D 181 -35.69 9.11 28.83
C LEU D 181 -34.72 8.44 29.75
N VAL D 182 -34.29 7.22 29.44
CA VAL D 182 -33.29 6.56 30.28
C VAL D 182 -31.90 6.29 29.65
N MET D 183 -31.85 6.21 28.31
CA MET D 183 -30.58 5.99 27.58
C MET D 183 -30.65 6.78 26.25
N HIS D 184 -29.48 7.19 25.74
CA HIS D 184 -29.42 7.93 24.52
C HIS D 184 -28.12 7.48 23.87
N ASN D 185 -28.23 6.80 22.73
CA ASN D 185 -27.02 6.35 21.96
C ASN D 185 -26.96 7.09 20.66
N LYS D 186 -25.73 7.20 20.09
CA LYS D 186 -25.52 7.96 18.86
C LYS D 186 -24.81 7.06 17.89
N ALA D 187 -25.05 7.32 16.62
CA ALA D 187 -24.33 6.59 15.63
C ALA D 187 -23.97 7.45 14.46
N ASP D 188 -22.98 6.99 13.68
CA ASP D 188 -22.83 7.56 12.35
C ASP D 188 -22.50 6.45 11.34
N TYR D 189 -22.62 6.76 10.05
CA TYR D 189 -22.73 5.77 9.06
C TYR D 189 -21.93 6.16 7.85
N SER D 190 -21.21 5.17 7.37
CA SER D 190 -20.54 5.31 6.05
C SER D 190 -21.16 4.29 5.10
N TYR D 191 -21.36 4.67 3.83
CA TYR D 191 -21.82 3.72 2.83
C TYR D 191 -20.77 3.54 1.75
N SER D 192 -19.49 3.65 2.13
CA SER D 192 -18.36 3.55 1.17
C SER D 192 -17.83 2.15 1.06
N GLY D 193 -18.42 1.20 1.78
CA GLY D 193 -18.00 -0.17 1.80
C GLY D 193 -16.73 -0.32 2.60
N ILE E 15 -36.98 -10.88 -18.19
CA ILE E 15 -36.88 -11.05 -16.67
C ILE E 15 -35.46 -10.71 -16.20
N GLY E 16 -35.39 -9.74 -15.30
CA GLY E 16 -34.11 -9.18 -14.86
C GLY E 16 -33.90 -9.57 -13.39
N PRO E 17 -32.65 -9.39 -12.89
CA PRO E 17 -32.30 -9.64 -11.49
C PRO E 17 -33.26 -8.97 -10.51
N GLU E 18 -33.67 -7.73 -10.79
CA GLU E 18 -34.66 -7.04 -9.93
C GLU E 18 -35.97 -7.82 -9.76
N ASP E 19 -36.31 -8.62 -10.75
CA ASP E 19 -37.52 -9.45 -10.71
C ASP E 19 -37.44 -10.64 -9.74
N VAL E 20 -36.23 -11.01 -9.35
CA VAL E 20 -36.05 -12.17 -8.43
C VAL E 20 -35.42 -11.80 -7.10
N LEU E 21 -34.77 -10.63 -7.02
CA LEU E 21 -34.02 -10.30 -5.81
C LEU E 21 -34.86 -10.07 -4.53
N GLY E 22 -36.14 -9.91 -4.67
CA GLY E 22 -37.08 -9.63 -3.56
C GLY E 22 -38.10 -10.79 -3.41
N LEU E 23 -37.89 -11.88 -4.12
CA LEU E 23 -38.84 -13.01 -3.99
C LEU E 23 -38.81 -13.64 -2.61
N GLN E 24 -40.02 -13.89 -2.08
CA GLN E 24 -40.15 -14.37 -0.69
C GLN E 24 -40.62 -15.83 -0.64
N ARG E 25 -40.86 -16.40 -1.81
CA ARG E 25 -41.14 -17.85 -1.91
C ARG E 25 -40.49 -18.44 -3.11
N ILE E 26 -40.33 -19.76 -3.08
CA ILE E 26 -39.91 -20.50 -4.24
C ILE E 26 -40.92 -20.26 -5.39
N THR E 27 -40.48 -20.26 -6.64
CA THR E 27 -41.46 -20.06 -7.75
C THR E 27 -42.26 -21.33 -7.96
N GLY E 28 -43.51 -21.21 -8.42
CA GLY E 28 -44.34 -22.40 -8.66
C GLY E 28 -43.86 -23.22 -9.86
N ASP E 29 -43.23 -22.56 -10.82
CA ASP E 29 -42.78 -23.27 -12.02
C ASP E 29 -41.52 -22.53 -12.46
N TYR E 30 -40.86 -23.06 -13.48
CA TYR E 30 -39.77 -22.37 -14.13
C TYR E 30 -40.18 -21.04 -14.76
N LEU E 31 -39.33 -20.03 -14.58
CA LEU E 31 -39.57 -18.69 -15.08
C LEU E 31 -39.06 -18.52 -16.53
N CYS E 32 -38.40 -19.56 -17.08
CA CYS E 32 -38.03 -19.58 -18.51
C CYS E 32 -37.95 -21.01 -19.06
N SER E 33 -38.12 -21.15 -20.37
CA SER E 33 -37.99 -22.47 -21.01
C SER E 33 -36.54 -22.85 -21.25
N PRO E 34 -36.27 -24.13 -21.48
CA PRO E 34 -34.90 -24.52 -21.89
C PRO E 34 -34.36 -23.81 -23.15
N GLU E 35 -35.27 -23.47 -24.08
CA GLU E 35 -34.99 -22.73 -25.35
C GLU E 35 -34.38 -21.33 -25.10
N GLU E 36 -34.67 -20.75 -23.94
CA GLU E 36 -34.14 -19.41 -23.71
C GLU E 36 -32.64 -19.44 -23.47
N ASN E 37 -32.07 -20.62 -23.25
CA ASN E 37 -30.60 -20.81 -23.13
C ASN E 37 -29.86 -20.74 -24.51
N ILE E 38 -29.96 -19.58 -25.13
CA ILE E 38 -29.33 -19.39 -26.45
C ILE E 38 -27.82 -19.50 -26.45
N TYR E 39 -27.21 -19.40 -25.27
CA TYR E 39 -25.75 -19.35 -25.17
C TYR E 39 -25.20 -20.72 -25.06
N LYS E 40 -26.11 -21.69 -24.90
CA LYS E 40 -25.74 -23.08 -24.74
C LYS E 40 -24.80 -23.30 -23.58
N ILE E 41 -25.13 -22.70 -22.44
CA ILE E 41 -24.41 -22.97 -21.21
C ILE E 41 -24.83 -24.35 -20.72
N ASP E 42 -23.85 -25.19 -20.41
CA ASP E 42 -24.16 -26.52 -20.04
C ASP E 42 -23.21 -26.90 -18.90
N PHE E 43 -23.79 -27.22 -17.74
CA PHE E 43 -22.99 -27.58 -16.58
C PHE E 43 -22.52 -29.01 -16.66
N VAL E 44 -21.23 -29.22 -16.47
CA VAL E 44 -20.66 -30.53 -16.77
C VAL E 44 -19.87 -31.05 -15.59
N ARG E 45 -19.72 -30.23 -14.57
CA ARG E 45 -19.18 -30.70 -13.31
C ARG E 45 -19.70 -29.78 -12.24
N PHE E 46 -20.11 -30.40 -11.15
CA PHE E 46 -20.51 -29.69 -9.96
C PHE E 46 -19.99 -30.38 -8.71
N LYS E 47 -19.22 -29.65 -7.90
CA LYS E 47 -18.68 -30.21 -6.68
C LYS E 47 -18.77 -29.23 -5.50
N ILE E 48 -19.30 -29.66 -4.37
CA ILE E 48 -19.27 -28.89 -3.14
C ILE E 48 -18.48 -29.51 -2.03
N ARG E 49 -17.74 -28.65 -1.33
CA ARG E 49 -16.87 -29.09 -0.29
C ARG E 49 -17.05 -28.15 0.86
N ASP E 50 -16.80 -28.71 2.04
CA ASP E 50 -16.79 -27.95 3.27
C ASP E 50 -15.47 -27.20 3.34
N MET E 51 -15.54 -25.88 3.47
CA MET E 51 -14.35 -25.04 3.36
C MET E 51 -13.42 -25.11 4.56
N ASP E 52 -13.96 -25.58 5.69
CA ASP E 52 -13.19 -25.72 6.91
C ASP E 52 -12.43 -27.05 6.95
N SER E 53 -13.09 -28.16 6.62
CA SER E 53 -12.44 -29.45 6.69
C SER E 53 -11.87 -29.97 5.37
N GLY E 54 -12.30 -29.38 4.25
CA GLY E 54 -11.91 -29.86 2.90
C GLY E 54 -12.80 -31.01 2.42
N THR E 55 -13.52 -31.66 3.34
CA THR E 55 -14.36 -32.81 2.98
C THR E 55 -15.32 -32.52 1.84
N VAL E 56 -15.34 -33.40 0.85
CA VAL E 56 -16.20 -33.24 -0.29
C VAL E 56 -17.58 -33.82 0.05
N LEU E 57 -18.63 -33.02 -0.15
CA LEU E 57 -20.01 -33.37 0.28
C LEU E 57 -20.85 -33.89 -0.86
N PHE E 58 -20.53 -33.48 -2.07
CA PHE E 58 -21.28 -33.93 -3.23
C PHE E 58 -20.43 -33.66 -4.43
N GLU E 59 -20.50 -34.55 -5.42
CA GLU E 59 -19.78 -34.36 -6.66
C GLU E 59 -20.48 -35.09 -7.77
N ILE E 60 -20.72 -34.39 -8.86
CA ILE E 60 -21.31 -35.00 -10.06
C ILE E 60 -20.53 -34.50 -11.29
N LYS E 61 -20.19 -35.40 -12.21
CA LYS E 61 -19.47 -35.06 -13.47
C LYS E 61 -20.26 -35.66 -14.61
N LYS E 62 -20.25 -35.02 -15.77
CA LYS E 62 -20.65 -35.82 -16.92
C LYS E 62 -19.44 -36.69 -17.39
N PRO E 63 -19.66 -38.03 -17.54
CA PRO E 63 -18.61 -39.03 -17.83
C PRO E 63 -17.85 -38.78 -19.16
N PRO E 78 -38.35 -35.86 -20.00
CA PRO E 78 -37.01 -35.48 -20.51
C PRO E 78 -36.10 -34.92 -19.40
N ASN E 79 -36.51 -33.75 -18.88
CA ASN E 79 -35.78 -32.90 -17.92
C ASN E 79 -34.55 -32.18 -18.47
N ALA E 80 -33.66 -32.92 -19.14
CA ALA E 80 -32.34 -32.42 -19.60
C ALA E 80 -31.45 -31.78 -18.49
N GLY E 81 -31.78 -32.08 -17.21
CA GLY E 81 -31.00 -31.66 -16.03
C GLY E 81 -31.33 -30.33 -15.34
N ARG E 82 -32.62 -30.01 -15.18
CA ARG E 82 -33.03 -28.76 -14.49
C ARG E 82 -33.50 -28.93 -13.06
N PHE E 83 -33.51 -30.16 -12.56
CA PHE E 83 -33.97 -30.39 -11.19
C PHE E 83 -33.03 -31.34 -10.53
N VAL E 84 -32.62 -31.05 -9.30
CA VAL E 84 -31.86 -32.03 -8.56
C VAL E 84 -32.45 -32.15 -7.18
N ARG E 85 -32.34 -33.35 -6.62
CA ARG E 85 -32.76 -33.59 -5.27
C ARG E 85 -31.54 -34.03 -4.52
N TYR E 86 -31.20 -33.33 -3.43
CA TYR E 86 -30.00 -33.65 -2.67
C TYR E 86 -30.33 -34.38 -1.39
N GLN E 87 -29.44 -35.31 -1.06
CA GLN E 87 -29.59 -36.05 0.18
C GLN E 87 -28.35 -35.81 0.98
N PHE E 88 -28.41 -34.90 1.94
CA PHE E 88 -27.26 -34.65 2.79
C PHE E 88 -27.59 -35.22 4.16
N THR E 89 -26.71 -34.98 5.10
CA THR E 89 -26.80 -35.48 6.46
C THR E 89 -27.10 -34.31 7.39
N PRO E 90 -27.56 -34.60 8.62
CA PRO E 90 -27.80 -33.58 9.64
C PRO E 90 -26.64 -32.59 9.81
N ALA E 91 -25.42 -33.11 9.72
CA ALA E 91 -24.22 -32.31 9.87
C ALA E 91 -24.09 -31.15 8.87
N PHE E 92 -24.56 -31.35 7.64
CA PHE E 92 -24.46 -30.31 6.62
C PHE E 92 -25.07 -28.98 7.10
N LEU E 93 -26.12 -29.11 7.90
CA LEU E 93 -26.82 -27.93 8.38
C LEU E 93 -25.95 -27.12 9.32
N ARG E 94 -24.87 -27.72 9.81
CA ARG E 94 -23.99 -27.05 10.75
C ARG E 94 -22.74 -26.45 10.16
N LEU E 95 -22.54 -26.64 8.85
CA LEU E 95 -21.44 -26.03 8.12
C LEU E 95 -21.50 -24.53 8.16
N ARG E 96 -20.36 -23.91 8.10
CA ARG E 96 -20.32 -22.48 8.18
C ARG E 96 -20.11 -21.93 6.75
N GLN E 97 -19.35 -22.67 5.94
CA GLN E 97 -19.00 -22.19 4.63
C GLN E 97 -18.75 -23.30 3.64
N VAL E 98 -19.40 -23.24 2.48
CA VAL E 98 -19.10 -24.26 1.45
C VAL E 98 -18.65 -23.69 0.14
N GLY E 99 -17.80 -24.44 -0.54
CA GLY E 99 -17.29 -24.00 -1.81
C GLY E 99 -17.83 -24.93 -2.88
N ALA E 100 -18.43 -24.34 -3.88
CA ALA E 100 -18.94 -25.06 -5.01
C ALA E 100 -17.99 -24.79 -6.17
N THR E 101 -17.53 -25.87 -6.80
CA THR E 101 -16.74 -25.81 -8.04
C THR E 101 -17.69 -26.22 -9.15
N VAL E 102 -17.81 -25.34 -10.12
CA VAL E 102 -18.77 -25.51 -11.20
C VAL E 102 -17.95 -25.45 -12.51
N GLU E 103 -18.14 -26.41 -13.40
CA GLU E 103 -17.53 -26.33 -14.74
C GLU E 103 -18.63 -26.40 -15.76
N PHE E 104 -18.50 -25.60 -16.80
CA PHE E 104 -19.56 -25.49 -17.79
C PHE E 104 -18.95 -25.21 -19.16
N THR E 105 -19.59 -25.75 -20.19
CA THR E 105 -19.22 -25.41 -21.55
C THR E 105 -20.13 -24.29 -21.98
N VAL E 106 -19.67 -23.50 -22.94
CA VAL E 106 -20.44 -22.45 -23.52
C VAL E 106 -20.39 -22.58 -25.03
N GLY E 107 -21.45 -22.16 -25.69
CA GLY E 107 -21.58 -22.22 -27.13
C GLY E 107 -20.67 -21.20 -27.81
N ASP E 108 -21.02 -20.92 -29.06
CA ASP E 108 -20.40 -19.94 -29.95
C ASP E 108 -20.50 -18.48 -29.59
N LYS E 109 -21.65 -18.09 -29.07
CA LYS E 109 -21.94 -16.69 -28.87
C LYS E 109 -21.23 -16.17 -27.60
N PRO E 110 -20.64 -14.99 -27.70
CA PRO E 110 -20.04 -14.43 -26.49
C PRO E 110 -21.08 -14.42 -25.37
N VAL E 111 -20.60 -14.72 -24.17
CA VAL E 111 -21.40 -14.56 -22.98
C VAL E 111 -20.91 -13.43 -22.06
N ASN E 112 -21.68 -12.36 -21.95
CA ASN E 112 -21.24 -11.22 -21.13
C ASN E 112 -22.02 -11.12 -19.79
N ASN E 113 -21.33 -10.82 -18.69
CA ASN E 113 -21.99 -10.57 -17.36
C ASN E 113 -22.86 -11.78 -16.99
N PHE E 114 -22.23 -12.90 -16.92
CA PHE E 114 -22.92 -14.13 -16.53
C PHE E 114 -23.01 -14.10 -14.98
N ARG E 115 -24.21 -14.32 -14.47
CA ARG E 115 -24.53 -14.07 -13.07
C ARG E 115 -25.57 -15.14 -12.62
N MET E 116 -25.38 -15.68 -11.40
CA MET E 116 -26.37 -16.58 -10.79
C MET E 116 -26.90 -15.96 -9.54
N ILE E 117 -28.23 -15.88 -9.42
CA ILE E 117 -28.85 -15.52 -8.14
C ILE E 117 -29.57 -16.76 -7.66
N GLU E 118 -29.15 -17.24 -6.51
CA GLU E 118 -29.65 -18.50 -6.01
C GLU E 118 -30.33 -18.30 -4.66
N ARG E 119 -31.59 -18.68 -4.57
CA ARG E 119 -32.40 -18.40 -3.36
C ARG E 119 -32.90 -19.67 -2.72
N HIS E 120 -32.67 -19.79 -1.42
CA HIS E 120 -32.96 -21.03 -0.70
C HIS E 120 -34.05 -20.69 0.30
N TYR E 121 -35.07 -21.55 0.35
CA TYR E 121 -36.21 -21.34 1.19
C TYR E 121 -36.52 -22.63 1.98
N PHE E 122 -37.01 -22.48 3.21
CA PHE E 122 -37.61 -23.61 3.89
C PHE E 122 -39.09 -23.28 4.10
N ARG E 123 -39.98 -24.14 3.60
CA ARG E 123 -41.44 -23.82 3.61
C ARG E 123 -41.81 -22.35 3.37
N ASN E 124 -41.57 -21.77 2.20
CA ASN E 124 -41.94 -20.29 2.03
C ASN E 124 -41.27 -19.28 2.91
N GLN E 125 -40.27 -19.71 3.67
CA GLN E 125 -39.49 -18.79 4.44
C GLN E 125 -38.06 -18.74 3.79
N LEU E 126 -37.68 -17.55 3.36
CA LEU E 126 -36.37 -17.32 2.77
C LEU E 126 -35.28 -17.59 3.79
N LEU E 127 -34.34 -18.46 3.43
CA LEU E 127 -33.15 -18.68 4.25
C LEU E 127 -32.03 -17.74 3.86
N LYS E 128 -31.63 -17.80 2.60
CA LYS E 128 -30.57 -16.90 2.17
C LYS E 128 -30.59 -16.88 0.64
N SER E 129 -30.24 -15.73 0.08
CA SER E 129 -30.08 -15.58 -1.36
C SER E 129 -28.62 -15.32 -1.61
N PHE E 130 -28.09 -15.94 -2.66
CA PHE E 130 -26.68 -15.78 -2.95
C PHE E 130 -26.57 -15.20 -4.33
N ASP E 131 -25.74 -14.17 -4.49
CA ASP E 131 -25.64 -13.52 -5.81
C ASP E 131 -24.20 -13.60 -6.31
N PHE E 132 -23.95 -14.46 -7.30
CA PHE E 132 -22.60 -14.72 -7.81
C PHE E 132 -22.39 -14.16 -9.22
N HIS E 133 -21.29 -13.47 -9.40
CA HIS E 133 -20.85 -13.09 -10.78
C HIS E 133 -19.72 -13.98 -11.24
N PHE E 134 -19.97 -14.65 -12.38
CA PHE E 134 -18.97 -15.48 -12.95
C PHE E 134 -17.83 -14.58 -13.50
N GLY E 135 -16.62 -15.09 -13.54
CA GLY E 135 -15.52 -14.39 -14.28
C GLY E 135 -15.80 -14.36 -15.80
N PHE E 136 -14.78 -13.92 -16.57
CA PHE E 136 -14.88 -13.85 -17.99
C PHE E 136 -15.19 -15.24 -18.60
N CYS E 137 -16.23 -15.30 -19.43
CA CYS E 137 -16.66 -16.57 -20.02
C CYS E 137 -16.16 -16.68 -21.46
N ILE E 138 -15.31 -17.65 -21.70
CA ILE E 138 -14.73 -17.93 -23.02
C ILE E 138 -15.68 -18.78 -23.89
N PRO E 139 -16.17 -18.24 -25.04
CA PRO E 139 -17.04 -19.03 -25.92
C PRO E 139 -16.39 -20.35 -26.42
N SER E 140 -17.20 -21.37 -26.72
CA SER E 140 -16.71 -22.62 -27.34
C SER E 140 -15.64 -23.28 -26.52
N SER E 141 -15.71 -23.12 -25.19
CA SER E 141 -14.74 -23.70 -24.27
C SER E 141 -15.48 -24.16 -23.03
N LYS E 142 -14.76 -24.93 -22.23
CA LYS E 142 -15.22 -25.37 -20.94
C LYS E 142 -14.67 -24.41 -19.91
N ASN E 143 -15.57 -23.76 -19.19
CA ASN E 143 -15.17 -22.77 -18.22
C ASN E 143 -15.31 -23.32 -16.83
N THR E 144 -14.69 -22.63 -15.88
CA THR E 144 -14.70 -23.02 -14.48
C THR E 144 -14.92 -21.82 -13.54
N CYS E 145 -15.58 -22.06 -12.42
CA CYS E 145 -15.81 -20.98 -11.43
C CYS E 145 -15.94 -21.63 -10.06
N GLU E 146 -15.56 -20.90 -9.03
CA GLU E 146 -15.80 -21.36 -7.68
C GLU E 146 -16.71 -20.37 -6.95
N HIS E 147 -17.75 -20.90 -6.30
CA HIS E 147 -18.75 -20.10 -5.56
C HIS E 147 -18.58 -20.38 -4.08
N ILE E 148 -18.56 -19.32 -3.28
CA ILE E 148 -18.39 -19.48 -1.85
C ILE E 148 -19.70 -19.08 -1.15
N TYR E 149 -20.32 -20.07 -0.51
CA TYR E 149 -21.54 -19.88 0.19
C TYR E 149 -21.22 -19.77 1.67
N ASP E 150 -21.48 -18.58 2.21
CA ASP E 150 -21.58 -18.41 3.66
C ASP E 150 -23.00 -18.64 4.12
N PHE E 151 -23.17 -19.58 5.05
CA PHE E 151 -24.45 -20.06 5.47
C PHE E 151 -25.04 -19.02 6.35
N PRO E 152 -26.38 -18.89 6.32
CA PRO E 152 -27.00 -18.07 7.36
C PRO E 152 -26.93 -18.78 8.71
N PRO E 153 -27.04 -18.03 9.83
CA PRO E 153 -27.21 -18.68 11.14
C PRO E 153 -28.52 -19.43 11.13
N LEU E 154 -28.50 -20.68 11.55
CA LEU E 154 -29.72 -21.47 11.58
C LEU E 154 -30.03 -21.78 13.03
N SER E 155 -31.19 -21.35 13.50
CA SER E 155 -31.65 -21.68 14.85
C SER E 155 -31.71 -23.20 15.03
N GLU E 156 -31.53 -23.65 16.29
CA GLU E 156 -31.73 -25.07 16.65
C GLU E 156 -33.11 -25.57 16.25
N GLU E 157 -34.14 -24.75 16.44
CA GLU E 157 -35.52 -25.09 16.02
C GLU E 157 -35.60 -25.35 14.51
N LEU E 158 -35.05 -24.41 13.73
CA LEU E 158 -35.06 -24.51 12.28
C LEU E 158 -34.28 -25.73 11.80
N ILE E 159 -33.05 -25.95 12.31
CA ILE E 159 -32.32 -27.19 11.94
C ILE E 159 -33.19 -28.43 12.16
N SER E 160 -33.82 -28.52 13.35
CA SER E 160 -34.73 -29.62 13.66
C SER E 160 -35.82 -29.80 12.62
N GLU E 161 -36.56 -28.72 12.35
CA GLU E 161 -37.60 -28.76 11.36
C GLU E 161 -37.07 -29.19 10.00
N MET E 162 -35.95 -28.58 9.54
CA MET E 162 -35.41 -28.91 8.22
C MET E 162 -35.08 -30.42 8.10
N ILE E 163 -34.52 -31.01 9.16
CA ILE E 163 -34.22 -32.45 9.21
C ILE E 163 -35.50 -33.33 9.15
N ARG E 164 -36.49 -32.96 9.92
CA ARG E 164 -37.78 -33.66 9.95
C ARG E 164 -38.61 -33.47 8.68
N HIS E 165 -38.28 -32.49 7.84
CA HIS E 165 -39.17 -32.19 6.72
C HIS E 165 -38.39 -32.25 5.41
N PRO E 166 -37.95 -33.46 4.98
CA PRO E 166 -37.15 -33.53 3.75
C PRO E 166 -37.93 -33.02 2.54
N TYR E 167 -37.21 -32.36 1.65
CA TYR E 167 -37.76 -31.81 0.42
C TYR E 167 -38.55 -30.55 0.55
N GLU E 168 -38.76 -30.08 1.78
CA GLU E 168 -39.43 -28.81 1.94
C GLU E 168 -38.42 -27.62 1.97
N THR E 169 -37.14 -27.94 2.00
CA THR E 169 -36.08 -26.91 1.81
C THR E 169 -35.85 -26.95 0.31
N GLN E 170 -35.97 -25.81 -0.35
CA GLN E 170 -35.87 -25.80 -1.83
C GLN E 170 -35.14 -24.60 -2.28
N SER E 171 -34.59 -24.66 -3.49
CA SER E 171 -33.91 -23.50 -4.06
C SER E 171 -34.22 -23.28 -5.55
N ASP E 172 -34.12 -22.01 -5.94
CA ASP E 172 -34.23 -21.57 -7.28
C ASP E 172 -32.88 -20.98 -7.65
N SER E 173 -32.27 -21.44 -8.73
CA SER E 173 -31.03 -20.87 -9.23
C SER E 173 -31.39 -20.17 -10.55
N PHE E 174 -31.30 -18.83 -10.57
CA PHE E 174 -31.64 -18.03 -11.72
C PHE E 174 -30.35 -17.51 -12.40
N TYR E 175 -30.18 -17.84 -13.68
CA TYR E 175 -28.96 -17.52 -14.36
C TYR E 175 -29.25 -16.44 -15.37
N PHE E 176 -28.39 -15.41 -15.38
CA PHE E 176 -28.63 -14.21 -16.19
C PHE E 176 -27.39 -13.95 -17.06
N VAL E 177 -27.65 -13.47 -18.28
CA VAL E 177 -26.59 -13.08 -19.24
C VAL E 177 -26.96 -11.69 -19.66
N ASP E 178 -26.08 -10.73 -19.35
CA ASP E 178 -26.42 -9.31 -19.55
C ASP E 178 -27.80 -8.95 -18.94
N ASP E 179 -28.01 -9.36 -17.68
CA ASP E 179 -29.18 -9.01 -16.87
C ASP E 179 -30.50 -9.54 -17.46
N ARG E 180 -30.43 -10.52 -18.34
CA ARG E 180 -31.63 -11.19 -18.84
C ARG E 180 -31.59 -12.64 -18.39
N LEU E 181 -32.70 -13.10 -17.84
CA LEU E 181 -32.76 -14.50 -17.37
C LEU E 181 -32.65 -15.48 -18.52
N VAL E 182 -31.75 -16.45 -18.44
CA VAL E 182 -31.54 -17.38 -19.56
C VAL E 182 -31.63 -18.84 -19.19
N MET E 183 -31.59 -19.13 -17.88
CA MET E 183 -31.66 -20.49 -17.35
C MET E 183 -32.22 -20.43 -15.93
N HIS E 184 -32.95 -21.48 -15.54
CA HIS E 184 -33.55 -21.50 -14.18
C HIS E 184 -33.60 -22.94 -13.70
N ASN E 185 -32.72 -23.26 -12.75
CA ASN E 185 -32.64 -24.61 -12.19
C ASN E 185 -33.30 -24.64 -10.81
N LYS E 186 -33.76 -25.81 -10.41
CA LYS E 186 -34.41 -25.96 -9.15
C LYS E 186 -33.79 -27.11 -8.38
N ALA E 187 -33.78 -26.98 -7.06
CA ALA E 187 -33.34 -28.08 -6.25
C ALA E 187 -34.18 -28.27 -5.05
N ASP E 188 -34.29 -29.51 -4.57
CA ASP E 188 -34.76 -29.66 -3.20
C ASP E 188 -33.85 -30.52 -2.34
N TYR E 189 -33.90 -30.36 -1.01
CA TYR E 189 -32.88 -30.87 -0.11
C TYR E 189 -33.50 -31.71 0.99
N SER E 190 -32.78 -32.77 1.34
CA SER E 190 -33.10 -33.63 2.44
C SER E 190 -31.89 -33.68 3.38
N TYR E 191 -32.11 -33.67 4.69
CA TYR E 191 -30.98 -33.68 5.62
C TYR E 191 -31.11 -34.82 6.63
N SER E 192 -31.85 -35.84 6.25
CA SER E 192 -31.95 -37.07 7.06
C SER E 192 -31.03 -38.22 6.51
N GLY E 193 -31.29 -39.47 6.92
CA GLY E 193 -30.46 -40.60 6.46
C GLY E 193 -28.98 -40.53 6.82
N ILE F 15 33.42 -0.13 -35.01
CA ILE F 15 32.58 1.12 -34.91
C ILE F 15 33.40 2.35 -34.59
N GLY F 16 33.35 3.34 -35.48
CA GLY F 16 33.99 4.63 -35.26
C GLY F 16 33.00 5.79 -35.22
N PRO F 17 33.46 7.00 -34.91
CA PRO F 17 32.57 8.12 -34.75
C PRO F 17 31.74 8.38 -36.03
N GLU F 18 32.34 8.12 -37.20
CA GLU F 18 31.65 8.30 -38.46
C GLU F 18 30.40 7.37 -38.59
N ASP F 19 30.42 6.22 -37.93
CA ASP F 19 29.30 5.30 -37.99
C ASP F 19 28.09 5.75 -37.14
N VAL F 20 28.27 6.67 -36.22
CA VAL F 20 27.16 7.05 -35.37
C VAL F 20 26.71 8.52 -35.65
N LEU F 21 27.59 9.30 -36.26
CA LEU F 21 27.33 10.74 -36.38
C LEU F 21 26.19 11.13 -37.36
N GLY F 22 25.78 10.20 -38.19
CA GLY F 22 24.64 10.43 -39.05
C GLY F 22 23.41 9.54 -38.76
N LEU F 23 23.35 8.90 -37.59
CA LEU F 23 22.18 8.03 -37.23
C LEU F 23 20.93 8.83 -37.08
N GLN F 24 19.85 8.33 -37.67
CA GLN F 24 18.62 9.07 -37.67
C GLN F 24 17.58 8.40 -36.75
N ARG F 25 17.97 7.33 -36.09
CA ARG F 25 17.11 6.75 -35.08
C ARG F 25 17.90 6.10 -34.00
N ILE F 26 17.20 5.89 -32.90
CA ILE F 26 17.76 5.17 -31.78
C ILE F 26 18.16 3.81 -32.26
N THR F 27 19.29 3.25 -31.78
CA THR F 27 19.66 1.92 -32.17
C THR F 27 18.72 0.87 -31.49
N GLY F 28 18.61 -0.29 -32.12
CA GLY F 28 17.69 -1.34 -31.66
C GLY F 28 18.32 -2.14 -30.52
N ASP F 29 19.65 -2.21 -30.51
CA ASP F 29 20.38 -2.84 -29.43
C ASP F 29 21.75 -2.12 -29.23
N TYR F 30 22.51 -2.55 -28.22
CA TYR F 30 23.87 -2.04 -27.95
C TYR F 30 24.84 -2.31 -29.09
N LEU F 31 25.68 -1.34 -29.43
CA LEU F 31 26.59 -1.55 -30.55
C LEU F 31 27.91 -2.18 -30.11
N CYS F 32 28.11 -2.35 -28.81
CA CYS F 32 29.29 -3.08 -28.32
C CYS F 32 28.96 -3.87 -27.07
N SER F 33 29.80 -4.84 -26.71
CA SER F 33 29.64 -5.65 -25.47
C SER F 33 30.37 -4.96 -24.30
N PRO F 34 29.98 -5.28 -23.05
CA PRO F 34 30.69 -4.76 -21.87
C PRO F 34 32.23 -5.04 -21.85
N GLU F 35 32.65 -6.11 -22.49
CA GLU F 35 34.06 -6.49 -22.59
C GLU F 35 34.90 -5.64 -23.57
N GLU F 36 34.20 -4.88 -24.42
CA GLU F 36 34.92 -4.02 -25.34
C GLU F 36 35.49 -2.78 -24.62
N ASN F 37 35.04 -2.55 -23.38
CA ASN F 37 35.56 -1.53 -22.46
C ASN F 37 36.91 -2.00 -21.88
N ILE F 38 37.88 -2.18 -22.76
CA ILE F 38 39.20 -2.65 -22.32
C ILE F 38 39.95 -1.69 -21.37
N TYR F 39 39.43 -0.45 -21.18
CA TYR F 39 40.08 0.61 -20.38
C TYR F 39 39.54 0.69 -18.99
N LYS F 40 38.45 -0.06 -18.78
CA LYS F 40 37.79 -0.13 -17.47
C LYS F 40 37.39 1.24 -17.00
N ILE F 41 36.79 1.98 -17.92
CA ILE F 41 36.19 3.25 -17.62
C ILE F 41 34.89 3.01 -16.88
N ASP F 42 34.77 3.62 -15.72
CA ASP F 42 33.60 3.36 -14.92
C ASP F 42 33.07 4.66 -14.39
N PHE F 43 31.90 5.07 -14.84
CA PHE F 43 31.34 6.29 -14.28
C PHE F 43 30.83 6.04 -12.86
N VAL F 44 31.26 6.86 -11.92
CA VAL F 44 30.90 6.70 -10.51
C VAL F 44 30.10 7.87 -9.95
N ARG F 45 30.02 8.96 -10.71
CA ARG F 45 29.20 10.06 -10.30
C ARG F 45 28.64 10.80 -11.52
N PHE F 46 27.38 11.21 -11.45
CA PHE F 46 26.72 11.88 -12.56
C PHE F 46 25.73 12.87 -11.97
N LYS F 47 25.99 14.15 -12.17
CA LYS F 47 25.20 15.17 -11.59
C LYS F 47 24.79 16.18 -12.72
N ILE F 48 23.49 16.45 -12.83
CA ILE F 48 23.02 17.41 -13.78
C ILE F 48 22.40 18.58 -13.05
N ARG F 49 22.71 19.78 -13.54
CA ARG F 49 22.15 21.00 -12.98
C ARG F 49 21.70 21.98 -14.06
N ASP F 50 20.67 22.74 -13.71
CA ASP F 50 20.20 23.82 -14.57
C ASP F 50 21.19 24.99 -14.52
N MET F 51 21.81 25.31 -15.64
CA MET F 51 22.80 26.35 -15.62
C MET F 51 22.25 27.73 -15.26
N ASP F 52 20.96 27.94 -15.49
CA ASP F 52 20.35 29.25 -15.22
C ASP F 52 20.06 29.44 -13.73
N SER F 53 19.10 28.68 -13.19
CA SER F 53 18.80 28.70 -11.75
C SER F 53 19.93 28.13 -10.88
N GLY F 54 20.89 27.43 -11.50
CA GLY F 54 21.93 26.69 -10.75
C GLY F 54 21.39 25.47 -10.02
N THR F 55 20.08 25.23 -10.06
CA THR F 55 19.49 24.09 -9.36
C THR F 55 20.00 22.75 -9.85
N VAL F 56 20.34 21.87 -8.93
CA VAL F 56 20.73 20.52 -9.23
C VAL F 56 19.48 19.72 -9.51
N LEU F 57 19.43 18.99 -10.61
CA LEU F 57 18.21 18.29 -11.07
C LEU F 57 18.21 16.77 -10.89
N PHE F 58 19.38 16.17 -10.94
CA PHE F 58 19.54 14.73 -10.83
C PHE F 58 20.98 14.50 -10.30
N GLU F 59 21.16 13.53 -9.39
CA GLU F 59 22.48 13.12 -8.96
C GLU F 59 22.53 11.65 -8.57
N ILE F 60 23.50 10.94 -9.11
CA ILE F 60 23.64 9.52 -8.86
C ILE F 60 25.11 9.21 -8.62
N LYS F 61 25.33 8.43 -7.58
CA LYS F 61 26.62 8.19 -7.00
C LYS F 61 26.76 6.68 -6.80
N LYS F 62 27.98 6.19 -6.91
CA LYS F 62 28.26 4.79 -6.68
C LYS F 62 29.74 4.72 -6.22
N PRO F 63 30.08 3.76 -5.32
CA PRO F 63 31.48 3.53 -4.87
C PRO F 63 32.41 3.15 -6.01
N PRO F 78 24.90 -8.93 -16.53
CA PRO F 78 24.51 -9.02 -17.95
C PRO F 78 24.44 -7.65 -18.66
N ASN F 79 23.45 -6.83 -18.26
CA ASN F 79 23.39 -5.40 -18.61
C ASN F 79 24.51 -4.64 -17.87
N ALA F 80 24.68 -4.91 -16.58
CA ALA F 80 25.71 -4.26 -15.75
C ALA F 80 25.82 -2.73 -15.95
N GLY F 81 24.68 -2.05 -15.84
CA GLY F 81 24.62 -0.60 -15.73
C GLY F 81 24.76 0.09 -17.08
N ARG F 82 23.88 -0.28 -18.02
CA ARG F 82 23.92 0.24 -19.40
C ARG F 82 22.64 1.01 -19.82
N PHE F 83 21.62 0.98 -18.97
CA PHE F 83 20.35 1.62 -19.29
C PHE F 83 19.91 2.40 -18.09
N VAL F 84 19.39 3.59 -18.33
CA VAL F 84 18.84 4.41 -17.29
C VAL F 84 17.51 4.95 -17.80
N ARG F 85 16.47 4.83 -16.98
CA ARG F 85 15.14 5.37 -17.28
C ARG F 85 14.95 6.56 -16.39
N TYR F 86 14.85 7.76 -16.97
CA TYR F 86 14.67 9.00 -16.22
C TYR F 86 13.21 9.39 -16.13
N GLN F 87 12.81 9.79 -14.92
CA GLN F 87 11.45 10.18 -14.60
C GLN F 87 11.53 11.65 -14.30
N PHE F 88 11.28 12.53 -15.26
CA PHE F 88 11.37 13.98 -15.06
C PHE F 88 10.03 14.69 -15.03
N THR F 89 10.10 16.03 -15.02
CA THR F 89 8.95 16.97 -14.98
C THR F 89 8.84 17.74 -16.30
N PRO F 90 7.64 18.26 -16.65
CA PRO F 90 7.56 19.16 -17.81
C PRO F 90 8.50 20.34 -17.77
N ALA F 91 8.93 20.75 -16.58
CA ALA F 91 9.74 21.94 -16.41
C ALA F 91 11.11 21.71 -17.09
N PHE F 92 11.53 20.45 -17.07
CA PHE F 92 12.77 20.00 -17.70
C PHE F 92 12.86 20.49 -19.12
N LEU F 93 11.79 20.29 -19.88
CA LEU F 93 11.72 20.67 -21.30
C LEU F 93 11.80 22.15 -21.55
N ARG F 94 11.64 22.92 -20.49
CA ARG F 94 11.72 24.37 -20.61
C ARG F 94 13.14 24.89 -20.41
N LEU F 95 14.06 23.99 -20.02
CA LEU F 95 15.45 24.43 -19.73
C LEU F 95 16.19 24.82 -21.00
N ARG F 96 17.10 25.76 -20.85
CA ARG F 96 17.90 26.25 -21.96
C ARG F 96 19.25 25.55 -21.94
N GLN F 97 19.83 25.36 -20.76
CA GLN F 97 21.18 24.81 -20.69
C GLN F 97 21.35 24.00 -19.41
N VAL F 98 21.87 22.77 -19.55
CA VAL F 98 22.20 22.01 -18.35
C VAL F 98 23.69 21.62 -18.32
N GLY F 99 24.28 21.50 -17.13
CA GLY F 99 25.65 21.07 -17.03
C GLY F 99 25.70 19.69 -16.40
N ALA F 100 26.43 18.77 -17.02
CA ALA F 100 26.53 17.44 -16.49
C ALA F 100 27.97 17.31 -15.94
N THR F 101 28.09 17.06 -14.64
CA THR F 101 29.42 16.75 -14.03
C THR F 101 29.51 15.26 -13.95
N VAL F 102 30.55 14.70 -14.56
CA VAL F 102 30.73 13.30 -14.50
C VAL F 102 32.08 12.96 -13.86
N GLU F 103 32.09 11.95 -13.00
CA GLU F 103 33.37 11.44 -12.46
C GLU F 103 33.45 9.99 -12.82
N PHE F 104 34.63 9.57 -13.22
CA PHE F 104 34.88 8.24 -13.65
C PHE F 104 36.28 7.83 -13.23
N THR F 105 36.43 6.53 -13.07
CA THR F 105 37.76 5.92 -12.90
C THR F 105 38.18 5.28 -14.21
N VAL F 106 39.49 5.14 -14.39
CA VAL F 106 40.02 4.38 -15.50
C VAL F 106 41.07 3.38 -15.00
N GLY F 107 41.31 2.32 -15.75
CA GLY F 107 42.28 1.31 -15.37
C GLY F 107 43.71 1.81 -15.62
N ASP F 108 44.67 0.89 -15.71
CA ASP F 108 46.05 1.34 -15.79
C ASP F 108 46.56 1.51 -17.23
N LYS F 109 45.76 1.09 -18.22
CA LYS F 109 46.07 1.37 -19.61
C LYS F 109 45.75 2.86 -19.92
N PRO F 110 46.70 3.57 -20.52
CA PRO F 110 46.47 4.96 -20.97
C PRO F 110 45.21 5.11 -21.84
N VAL F 111 44.41 6.12 -21.55
CA VAL F 111 43.25 6.44 -22.39
C VAL F 111 43.52 7.73 -23.16
N ASN F 112 43.63 7.61 -24.47
CA ASN F 112 43.82 8.78 -25.28
C ASN F 112 42.55 9.14 -26.10
N ASN F 113 42.26 10.41 -26.23
CA ASN F 113 41.11 10.89 -27.04
C ASN F 113 39.75 10.22 -26.64
N PHE F 114 39.39 10.43 -25.40
CA PHE F 114 38.16 9.89 -24.88
C PHE F 114 37.13 10.92 -25.25
N ARG F 115 36.07 10.43 -25.89
CA ARG F 115 35.06 11.26 -26.55
C ARG F 115 33.67 10.56 -26.38
N MET F 116 32.63 11.34 -26.17
CA MET F 116 31.23 10.82 -26.14
C MET F 116 30.41 11.52 -27.21
N ILE F 117 29.69 10.77 -28.04
CA ILE F 117 28.69 11.35 -28.92
C ILE F 117 27.31 10.84 -28.42
N GLU F 118 26.44 11.75 -28.04
CA GLU F 118 25.21 11.33 -27.41
C GLU F 118 24.08 11.90 -28.25
N ARG F 119 23.17 11.04 -28.69
CA ARG F 119 22.17 11.45 -29.65
C ARG F 119 20.83 11.22 -29.00
N HIS F 120 19.99 12.26 -29.02
CA HIS F 120 18.64 12.23 -28.44
C HIS F 120 17.56 12.31 -29.52
N TYR F 121 16.56 11.45 -29.38
CA TYR F 121 15.52 11.36 -30.40
C TYR F 121 14.15 11.33 -29.73
N PHE F 122 13.16 11.93 -30.37
CA PHE F 122 11.75 11.71 -29.94
C PHE F 122 11.07 10.95 -31.07
N ARG F 123 10.51 9.81 -30.74
CA ARG F 123 10.10 8.76 -31.68
C ARG F 123 11.15 8.55 -32.71
N ASN F 124 10.87 8.72 -33.99
CA ASN F 124 12.10 8.49 -34.81
C ASN F 124 12.77 9.76 -35.31
N GLN F 125 12.64 10.83 -34.55
CA GLN F 125 13.13 12.13 -34.96
C GLN F 125 14.33 12.58 -34.06
N LEU F 126 15.47 12.84 -34.68
CA LEU F 126 16.61 13.48 -34.02
C LEU F 126 16.29 14.82 -33.40
N LEU F 127 16.46 14.95 -32.09
CA LEU F 127 16.31 16.28 -31.47
C LEU F 127 17.67 17.00 -31.53
N LYS F 128 18.72 16.29 -31.04
CA LYS F 128 20.06 16.88 -31.02
C LYS F 128 21.11 15.81 -30.75
N SER F 129 22.28 15.95 -31.38
CA SER F 129 23.47 15.17 -31.10
C SER F 129 24.50 16.08 -30.41
N PHE F 130 25.14 15.54 -29.37
CA PHE F 130 26.13 16.28 -28.62
C PHE F 130 27.44 15.53 -28.73
N ASP F 131 28.52 16.27 -28.99
CA ASP F 131 29.78 15.64 -29.20
C ASP F 131 30.75 16.27 -28.19
N PHE F 132 31.15 15.50 -27.15
CA PHE F 132 32.01 16.00 -26.08
C PHE F 132 33.36 15.31 -26.08
N HIS F 133 34.45 16.06 -25.90
CA HIS F 133 35.79 15.44 -25.80
C HIS F 133 36.26 15.59 -24.39
N PHE F 134 36.62 14.47 -23.75
CA PHE F 134 37.00 14.60 -22.35
C PHE F 134 38.40 15.26 -22.31
N GLY F 135 38.81 15.77 -21.18
CA GLY F 135 40.20 16.26 -21.02
C GLY F 135 41.18 15.08 -20.93
N PHE F 136 42.45 15.36 -20.65
CA PHE F 136 43.40 14.30 -20.45
C PHE F 136 42.93 13.35 -19.32
N CYS F 137 43.00 12.06 -19.56
CA CYS F 137 42.59 11.03 -18.55
C CYS F 137 43.80 10.42 -17.86
N ILE F 138 43.88 10.57 -16.55
CA ILE F 138 45.04 10.06 -15.79
C ILE F 138 44.75 8.59 -15.49
N PRO F 139 45.66 7.68 -15.88
CA PRO F 139 45.37 6.27 -15.66
C PRO F 139 45.31 5.93 -14.15
N SER F 140 44.53 4.90 -13.80
CA SER F 140 44.43 4.36 -12.42
C SER F 140 44.02 5.41 -11.46
N SER F 141 43.12 6.30 -11.89
CA SER F 141 42.62 7.29 -10.97
C SER F 141 41.23 7.73 -11.36
N LYS F 142 40.71 8.62 -10.54
CA LYS F 142 39.39 9.15 -10.71
C LYS F 142 39.52 10.49 -11.42
N ASN F 143 38.82 10.60 -12.55
CA ASN F 143 38.88 11.74 -13.44
C ASN F 143 37.54 12.42 -13.38
N THR F 144 37.49 13.70 -13.77
CA THR F 144 36.24 14.46 -13.79
C THR F 144 36.14 15.24 -15.09
N CYS F 145 34.89 15.48 -15.53
CA CYS F 145 34.62 16.25 -16.73
C CYS F 145 33.31 17.01 -16.52
N GLU F 146 33.19 18.16 -17.17
CA GLU F 146 31.92 18.85 -17.13
C GLU F 146 31.36 19.00 -18.57
N HIS F 147 30.17 18.48 -18.85
CA HIS F 147 29.55 18.54 -20.18
C HIS F 147 28.41 19.56 -20.14
N ILE F 148 28.48 20.58 -21.00
CA ILE F 148 27.43 21.56 -21.15
C ILE F 148 26.44 21.19 -22.35
N TYR F 149 25.16 20.94 -22.07
CA TYR F 149 24.17 20.67 -23.09
C TYR F 149 23.33 21.93 -23.33
N ASP F 150 23.48 22.50 -24.54
CA ASP F 150 22.55 23.49 -25.08
C ASP F 150 21.35 22.83 -25.75
N PHE F 151 20.16 23.03 -25.19
CA PHE F 151 18.92 22.36 -25.67
C PHE F 151 18.66 22.83 -27.06
N PRO F 152 18.18 21.94 -27.94
CA PRO F 152 17.76 22.39 -29.31
C PRO F 152 16.50 23.25 -29.19
N PRO F 153 16.16 24.02 -30.25
CA PRO F 153 14.82 24.70 -30.18
C PRO F 153 13.70 23.65 -30.19
N LEU F 154 12.71 23.81 -29.31
CA LEU F 154 11.62 22.84 -29.19
C LEU F 154 10.33 23.63 -29.33
N SER F 155 9.64 23.38 -30.44
CA SER F 155 8.34 23.99 -30.71
C SER F 155 7.32 23.50 -29.68
N GLU F 156 6.20 24.22 -29.58
CA GLU F 156 5.19 23.95 -28.54
C GLU F 156 4.43 22.65 -28.72
N GLU F 157 4.22 22.27 -29.98
CA GLU F 157 3.53 21.05 -30.34
C GLU F 157 4.39 19.85 -29.93
N LEU F 158 5.72 20.00 -30.09
CA LEU F 158 6.67 18.94 -29.73
C LEU F 158 6.80 18.76 -28.21
N ILE F 159 6.90 19.86 -27.47
CA ILE F 159 7.00 19.81 -26.00
C ILE F 159 5.79 19.12 -25.47
N SER F 160 4.63 19.56 -25.95
CA SER F 160 3.39 18.91 -25.62
C SER F 160 3.38 17.40 -25.99
N GLU F 161 3.80 17.06 -27.20
CA GLU F 161 3.87 15.65 -27.59
C GLU F 161 4.80 14.84 -26.67
N MET F 162 5.97 15.39 -26.37
CA MET F 162 6.96 14.76 -25.48
C MET F 162 6.42 14.44 -24.07
N ILE F 163 5.69 15.41 -23.53
CA ILE F 163 5.00 15.30 -22.21
C ILE F 163 4.02 14.14 -22.24
N ARG F 164 3.24 14.08 -23.32
CA ARG F 164 2.20 13.04 -23.44
C ARG F 164 2.69 11.63 -23.83
N HIS F 165 3.93 11.52 -24.33
CA HIS F 165 4.46 10.21 -24.79
C HIS F 165 5.69 9.75 -24.01
N PRO F 166 5.52 9.39 -22.73
CA PRO F 166 6.72 9.06 -21.96
C PRO F 166 7.48 7.87 -22.49
N TYR F 167 8.82 7.98 -22.37
CA TYR F 167 9.70 6.88 -22.77
C TYR F 167 9.88 6.77 -24.25
N GLU F 168 9.17 7.59 -25.01
CA GLU F 168 9.40 7.65 -26.48
C GLU F 168 10.51 8.67 -26.86
N THR F 169 10.98 9.45 -25.87
CA THR F 169 12.26 10.25 -25.98
C THR F 169 13.37 9.34 -25.45
N GLN F 170 14.33 9.05 -26.34
CA GLN F 170 15.41 8.13 -26.01
C GLN F 170 16.77 8.70 -26.41
N SER F 171 17.82 8.19 -25.79
CA SER F 171 19.18 8.60 -26.15
C SER F 171 20.15 7.44 -26.23
N ASP F 172 21.10 7.58 -27.16
CA ASP F 172 22.22 6.65 -27.26
C ASP F 172 23.46 7.43 -26.88
N SER F 173 24.24 6.96 -25.91
CA SER F 173 25.51 7.57 -25.53
C SER F 173 26.63 6.69 -26.06
N PHE F 174 27.44 7.19 -27.01
CA PHE F 174 28.45 6.33 -27.68
C PHE F 174 29.80 6.87 -27.19
N TYR F 175 30.61 6.02 -26.59
CA TYR F 175 31.91 6.43 -26.01
C TYR F 175 33.05 5.84 -26.81
N PHE F 176 34.00 6.68 -27.19
CA PHE F 176 35.08 6.27 -28.07
C PHE F 176 36.42 6.60 -27.36
N VAL F 177 37.37 5.69 -27.50
CA VAL F 177 38.75 5.88 -27.11
C VAL F 177 39.56 5.64 -28.37
N ASP F 178 40.32 6.65 -28.77
CA ASP F 178 41.12 6.57 -30.02
C ASP F 178 40.28 6.25 -31.25
N ASP F 179 39.12 6.90 -31.30
CA ASP F 179 38.11 6.80 -32.40
C ASP F 179 37.56 5.42 -32.58
N ARG F 180 37.60 4.64 -31.51
CA ARG F 180 37.02 3.33 -31.45
C ARG F 180 35.97 3.18 -30.33
N LEU F 181 34.78 2.63 -30.64
CA LEU F 181 33.68 2.50 -29.64
C LEU F 181 34.01 1.57 -28.50
N VAL F 182 33.98 2.04 -27.26
CA VAL F 182 34.29 1.11 -26.14
C VAL F 182 33.16 0.90 -25.14
N MET F 183 32.20 1.85 -25.12
CA MET F 183 31.06 1.76 -24.24
C MET F 183 29.86 2.33 -25.04
N HIS F 184 28.66 1.84 -24.70
CA HIS F 184 27.40 2.34 -25.32
C HIS F 184 26.32 2.26 -24.26
N ASN F 185 25.88 3.42 -23.75
CA ASN F 185 24.83 3.49 -22.76
C ASN F 185 23.57 4.03 -23.39
N LYS F 186 22.41 3.56 -22.90
CA LYS F 186 21.10 4.00 -23.41
C LYS F 186 20.26 4.61 -22.28
N ALA F 187 19.31 5.48 -22.64
CA ALA F 187 18.41 6.14 -21.68
C ALA F 187 17.05 6.36 -22.34
N ASP F 188 16.00 6.39 -21.51
CA ASP F 188 14.58 6.69 -21.93
C ASP F 188 14.21 7.82 -21.00
N TYR F 189 13.30 8.67 -21.45
CA TYR F 189 12.96 9.84 -20.68
C TYR F 189 11.41 9.96 -20.58
N SER F 190 10.94 10.30 -19.38
CA SER F 190 9.56 10.58 -19.18
C SER F 190 9.52 11.95 -18.57
N TYR F 191 8.59 12.77 -19.06
CA TYR F 191 8.44 14.14 -18.57
C TYR F 191 7.08 14.42 -17.88
N SER F 192 6.39 13.37 -17.43
CA SER F 192 5.15 13.44 -16.62
C SER F 192 5.40 13.96 -15.21
N GLY F 193 4.70 15.03 -14.81
CA GLY F 193 4.99 15.68 -13.51
C GLY F 193 4.80 14.75 -12.32
O1 DAO G 1 1.70 15.68 15.29
C1 DAO G 1 1.00 15.36 14.31
C2 DAO G 1 0.74 13.94 13.77
C3 DAO G 1 1.91 12.95 13.94
C4 DAO G 1 1.67 11.70 13.05
C5 DAO G 1 2.68 10.62 13.33
C6 DAO G 1 2.30 9.34 12.61
C7 DAO G 1 2.61 9.51 11.13
C8 DAO G 1 2.58 8.23 10.40
C9 DAO G 1 2.44 8.43 8.90
C10 DAO G 1 3.72 8.81 8.19
C11 DAO G 1 3.47 8.52 6.71
C12 DAO G 1 4.77 8.61 5.94
N GLY G 2 0.27 16.36 13.57
CA GLY G 2 0.29 17.73 14.07
C GLY G 2 -0.42 17.92 15.40
N ALA G 3 -1.30 16.98 15.81
CA ALA G 3 -1.94 16.94 17.16
C ALA G 3 -0.90 16.93 18.32
N GLY G 4 0.30 16.44 18.02
CA GLY G 4 1.39 16.52 19.00
C GLY G 4 1.88 17.95 19.34
N ALA G 5 1.61 18.95 18.51
CA ALA G 5 2.06 20.35 18.69
C ALA G 5 1.34 20.97 19.86
N SER G 6 0.04 20.69 19.94
CA SER G 6 -0.92 21.40 20.78
C SER G 6 -0.71 20.80 22.14
N ALA G 7 -0.58 19.46 22.15
CA ALA G 7 -0.38 18.68 23.38
C ALA G 7 0.91 19.07 24.17
N GLU G 8 1.78 19.86 23.52
CA GLU G 8 2.86 20.66 24.17
C GLU G 8 2.55 22.18 24.07
O1 DAO H 1 35.55 -1.99 20.01
C1 DAO H 1 36.15 -2.20 18.95
C2 DAO H 1 36.29 -1.27 17.76
C3 DAO H 1 35.13 -0.30 17.49
C4 DAO H 1 35.56 0.60 16.31
C5 DAO H 1 34.43 1.48 15.76
C6 DAO H 1 34.91 2.24 14.54
C7 DAO H 1 34.66 1.34 13.29
C8 DAO H 1 34.90 2.16 12.04
C9 DAO H 1 35.03 1.29 10.79
C10 DAO H 1 33.74 0.63 10.27
C11 DAO H 1 33.98 -0.10 8.94
C12 DAO H 1 32.65 -0.51 8.32
N GLY H 2 36.87 -3.42 18.77
CA GLY H 2 37.06 -4.48 19.84
C GLY H 2 37.64 -3.91 21.15
N ALA H 3 38.49 -2.85 21.09
CA ALA H 3 39.09 -2.26 22.29
C ALA H 3 38.09 -1.68 23.29
N GLY H 4 36.92 -1.28 22.78
CA GLY H 4 35.85 -0.86 23.68
C GLY H 4 35.28 -1.94 24.62
N ALA H 5 35.55 -3.23 24.39
CA ALA H 5 35.07 -4.28 25.33
C ALA H 5 35.82 -4.29 26.66
N SER H 6 37.14 -4.18 26.56
CA SER H 6 38.04 -4.32 27.69
C SER H 6 37.88 -3.07 28.56
N ALA H 7 37.58 -1.94 27.91
CA ALA H 7 37.46 -0.67 28.63
C ALA H 7 36.20 -0.63 29.51
N GLU H 8 35.35 -1.66 29.39
CA GLU H 8 34.17 -1.86 30.24
C GLU H 8 34.42 -3.00 31.22
N GLU H 9 34.87 -4.13 30.66
CA GLU H 9 35.01 -5.41 31.39
C GLU H 9 34.26 -5.47 32.73
O1 DAO I 1 -5.15 -4.81 -14.57
C1 DAO I 1 -5.30 -4.02 -15.51
C2 DAO I 1 -5.41 -2.51 -15.37
C3 DAO I 1 -6.16 -2.03 -14.14
C4 DAO I 1 -6.10 -0.51 -14.16
C5 DAO I 1 -7.01 0.05 -13.07
C6 DAO I 1 -6.90 1.59 -13.03
C7 DAO I 1 -7.82 2.23 -14.11
C8 DAO I 1 -8.01 3.69 -13.90
C9 DAO I 1 -8.90 4.38 -14.96
C10 DAO I 1 -10.35 3.93 -15.09
C11 DAO I 1 -11.01 4.95 -16.04
C12 DAO I 1 -12.50 5.11 -15.74
N GLY I 2 -5.24 -4.43 -16.90
CA GLY I 2 -5.09 -5.88 -17.14
C GLY I 2 -3.77 -6.46 -16.73
N ALA I 3 -2.77 -5.58 -16.56
CA ALA I 3 -1.45 -6.00 -16.07
C ALA I 3 -1.54 -6.63 -14.66
N GLY I 4 -2.53 -6.24 -13.89
CA GLY I 4 -2.82 -6.93 -12.61
C GLY I 4 -3.14 -8.45 -12.70
N ALA I 5 -3.48 -8.99 -13.86
CA ALA I 5 -3.80 -10.41 -13.91
C ALA I 5 -2.53 -11.31 -13.82
O1 DAO J 1 -26.89 1.11 16.52
C1 DAO J 1 -28.02 1.63 16.31
C2 DAO J 1 -28.97 1.37 15.15
C3 DAO J 1 -28.40 0.84 13.85
C4 DAO J 1 -29.57 0.61 12.89
C5 DAO J 1 -29.15 0.47 11.42
C6 DAO J 1 -30.39 0.01 10.63
C7 DAO J 1 -31.22 1.26 10.28
C8 DAO J 1 -31.82 1.21 8.90
C9 DAO J 1 -32.58 2.48 8.58
C10 DAO J 1 -31.85 3.57 7.80
C11 DAO J 1 -32.96 4.60 7.45
C12 DAO J 1 -32.40 5.89 6.85
N GLY J 2 -28.67 2.54 17.30
CA GLY J 2 -27.77 2.92 18.45
C GLY J 2 -27.51 1.73 19.36
N ALA J 3 -28.33 0.67 19.26
CA ALA J 3 -28.18 -0.50 20.13
C ALA J 3 -26.86 -1.23 19.94
N GLY J 4 -26.30 -1.15 18.70
CA GLY J 4 -24.96 -1.66 18.43
C GLY J 4 -23.85 -1.03 19.29
N ALA J 5 -24.07 0.12 19.91
CA ALA J 5 -23.00 0.75 20.72
C ALA J 5 -22.64 -0.16 21.92
O1 DAO K 1 -27.41 -27.52 -7.25
C1 DAO K 1 -27.54 -26.31 -6.97
C2 DAO K 1 -26.75 -25.59 -5.86
C3 DAO K 1 -26.59 -26.43 -4.58
C4 DAO K 1 -25.75 -25.62 -3.60
C5 DAO K 1 -25.82 -26.17 -2.17
C6 DAO K 1 -24.95 -25.36 -1.21
C7 DAO K 1 -25.79 -24.24 -0.57
C8 DAO K 1 -25.44 -24.00 0.89
C9 DAO K 1 -26.31 -22.91 1.53
C10 DAO K 1 -27.64 -23.44 2.04
C11 DAO K 1 -28.45 -22.34 2.77
C12 DAO K 1 -29.25 -22.99 3.88
N GLY K 2 -28.48 -25.46 -7.71
CA GLY K 2 -29.05 -25.89 -9.01
C GLY K 2 -28.06 -26.30 -10.09
N ALA K 3 -26.79 -25.88 -10.00
CA ALA K 3 -25.76 -26.31 -11.01
C ALA K 3 -25.45 -27.78 -10.88
N GLY K 4 -26.11 -28.42 -9.93
CA GLY K 4 -25.91 -29.84 -9.71
C GLY K 4 -26.52 -30.69 -10.80
O1 DAO L 1 22.56 9.56 -18.56
C1 DAO L 1 22.81 9.99 -19.74
C2 DAO L 1 22.62 11.41 -20.23
C3 DAO L 1 21.67 12.30 -19.40
C4 DAO L 1 21.21 13.44 -20.34
C5 DAO L 1 20.73 14.74 -19.71
C6 DAO L 1 20.85 15.92 -20.70
C7 DAO L 1 19.55 16.27 -21.44
C8 DAO L 1 19.73 17.01 -22.78
C9 DAO L 1 18.48 16.82 -23.66
C10 DAO L 1 18.51 17.72 -24.89
C11 DAO L 1 17.54 17.32 -26.00
C12 DAO L 1 16.11 17.62 -25.59
N GLY L 2 23.36 9.12 -20.80
CA GLY L 2 23.66 7.67 -20.66
C GLY L 2 24.68 7.39 -19.56
N ALA L 3 25.51 8.38 -19.23
CA ALA L 3 26.41 8.27 -18.06
C ALA L 3 25.69 7.92 -16.72
N GLY L 4 24.41 8.27 -16.59
CA GLY L 4 23.64 7.92 -15.39
C GLY L 4 23.43 6.42 -15.23
N ALA L 5 23.49 5.68 -16.33
CA ALA L 5 23.33 4.21 -16.33
C ALA L 5 24.47 3.49 -15.62
N SER L 6 25.70 3.95 -15.89
CA SER L 6 26.94 3.39 -15.35
C SER L 6 27.07 3.82 -13.90
N ALA L 7 26.79 5.09 -13.66
CA ALA L 7 26.81 5.69 -12.33
C ALA L 7 25.82 5.04 -11.32
N GLU L 8 24.77 4.35 -11.83
CA GLU L 8 23.77 3.64 -10.98
C GLU L 8 24.27 2.23 -10.69
N GLU L 9 24.57 1.95 -9.43
CA GLU L 9 25.06 0.61 -9.01
C GLU L 9 23.99 -0.49 -8.84
N LYS L 10 24.42 -1.72 -9.11
CA LYS L 10 23.62 -2.94 -8.92
C LYS L 10 23.53 -3.29 -7.42
#